data_9SH5
#
_entry.id   9SH5
#
_cell.length_a   1.00
_cell.length_b   1.00
_cell.length_c   1.00
_cell.angle_alpha   90.00
_cell.angle_beta   90.00
_cell.angle_gamma   90.00
#
_symmetry.space_group_name_H-M   'P 1'
#
loop_
_entity.id
_entity.type
_entity.pdbx_description
1 polymer 'Alkaline phosphatase, tissue-nonspecific isozyme'
2 branched beta-D-mannopyranose-(1-4)-2-acetamido-2-deoxy-beta-D-glucopyranose-(1-4)-2-acetamido-2-deoxy-beta-D-glucopyranose
3 branched 2-acetamido-2-deoxy-beta-D-glucopyranose-(1-4)-2-acetamido-2-deoxy-beta-D-glucopyranose
4 branched alpha-L-fucopyranose-(1-6)-2-acetamido-2-deoxy-beta-D-glucopyranose
5 branched alpha-D-mannopyranose-(1-3)-beta-D-mannopyranose-(1-4)-2-acetamido-2-deoxy-beta-D-glucopyranose-(1-4)-[alpha-L-fucopyranose-(1-6)]2-acetamido-2-deoxy-beta-D-glucopyranose
6 non-polymer 'MAGNESIUM ION'
7 non-polymer 'ZINC ION'
8 non-polymer 'CALCIUM ION'
9 non-polymer 2,5-dimethoxy-~{N}-quinolin-3-yl-benzenesulfonamide
#
_entity_poly.entity_id   1
_entity_poly.type   'polypeptide(L)'
_entity_poly.pdbx_seq_one_letter_code
;GRALVPEKEKDPKYWRDQAQETLKYALELQKLNTNVAKNVIMFLGDGMGVSTVTAARILKGQLHHNPGEETRLEMDKFPF
VALSKTYNTNAQVPDSAGTATAYLCGVKANEGTVGVSAATERSRCNTTQGNEVTSILRWAKDAGKSVGIVTTTRVNHATP
SAAYAHSADRDWYSDNEMPPEALSQGCKDIAYQLMHNIRDIDVIMGGGRKYMYPKNKTDVEYESDEKARGTRLDGLDLVD
TWKSFKPRYKHSHFIWNRTELLTLDPHNVDYLLGLFEPGDMQYELNRNNVTDPSLSEMVVVAIQILRKNPKGFFLLVEGG
RIDHGHHEGKAKQALHEAVEMDRAIGQAGSLTSSEDTLTVVTADHSHVFTFGGYTPRGNSIFGLAPMLSDTDKKPFTAIL
YGNGPGYKVVGGERENVSMVDYAHNNYQAQSAVPLRHETHGGEDVAVFSKGPMAHLLHGVHEQNYVPHVMAYAACIGANL
GHCAPAAAAENLYFQGDYKDDDDKHHHHHHHH
;
_entity_poly.pdbx_strand_id   A,B
#
loop_
_chem_comp.id
_chem_comp.type
_chem_comp.name
_chem_comp.formula
A1JNY non-polymer 2,5-dimethoxy-~{N}-quinolin-3-yl-benzenesulfonamide 'C17 H16 N2 O4 S'
BMA D-saccharide, beta linking beta-D-mannopyranose 'C6 H12 O6'
CA non-polymer 'CALCIUM ION' 'Ca 2'
FUC L-saccharide, alpha linking alpha-L-fucopyranose 'C6 H12 O5'
MAN D-saccharide, alpha linking alpha-D-mannopyranose 'C6 H12 O6'
MG non-polymer 'MAGNESIUM ION' 'Mg 2'
NAG D-saccharide, beta linking 2-acetamido-2-deoxy-beta-D-glucopyranose 'C8 H15 N O6'
ZN non-polymer 'ZINC ION' 'Zn 2'
#
# COMPACT_ATOMS: atom_id res chain seq x y z
N LEU A 4 13.46 -17.19 -16.24
CA LEU A 4 12.66 -18.24 -15.63
C LEU A 4 11.47 -18.57 -16.51
N VAL A 5 10.36 -17.87 -16.32
CA VAL A 5 9.18 -18.02 -17.16
C VAL A 5 8.76 -19.48 -17.23
N PRO A 6 8.16 -20.04 -16.18
CA PRO A 6 7.72 -21.44 -16.23
C PRO A 6 6.93 -21.72 -17.50
N GLU A 7 6.95 -22.99 -17.91
CA GLU A 7 6.35 -23.38 -19.19
C GLU A 7 4.87 -23.05 -19.23
N LYS A 8 4.12 -23.48 -18.21
CA LYS A 8 2.66 -23.30 -18.23
C LYS A 8 2.28 -21.84 -18.36
N GLU A 9 3.15 -20.93 -17.94
CA GLU A 9 2.83 -19.50 -17.97
C GLU A 9 2.92 -18.90 -19.37
N LYS A 10 3.36 -19.66 -20.36
CA LYS A 10 3.48 -19.16 -21.73
C LYS A 10 2.20 -19.31 -22.54
N ASP A 11 1.12 -19.81 -21.93
CA ASP A 11 -0.13 -20.00 -22.63
C ASP A 11 -1.17 -19.03 -22.10
N PRO A 12 -1.78 -18.19 -22.95
CA PRO A 12 -2.81 -17.27 -22.46
C PRO A 12 -4.00 -17.98 -21.82
N LYS A 13 -4.31 -19.19 -22.27
CA LYS A 13 -5.47 -19.91 -21.73
C LYS A 13 -5.32 -20.14 -20.24
N TYR A 14 -4.10 -20.40 -19.77
CA TYR A 14 -3.87 -20.59 -18.34
C TYR A 14 -4.30 -19.36 -17.54
N TRP A 15 -3.80 -18.19 -17.93
CA TRP A 15 -4.14 -16.96 -17.22
C TRP A 15 -5.63 -16.66 -17.32
N ARG A 16 -6.22 -16.86 -18.51
CA ARG A 16 -7.64 -16.58 -18.68
C ARG A 16 -8.49 -17.49 -17.79
N ASP A 17 -8.13 -18.77 -17.70
CA ASP A 17 -8.88 -19.69 -16.85
C ASP A 17 -8.74 -19.31 -15.38
N GLN A 18 -7.52 -18.92 -14.96
CA GLN A 18 -7.35 -18.48 -13.57
C GLN A 18 -8.22 -17.26 -13.28
N ALA A 19 -8.23 -16.28 -14.18
CA ALA A 19 -9.03 -15.09 -13.98
C ALA A 19 -10.52 -15.43 -13.93
N GLN A 20 -10.97 -16.34 -14.79
CA GLN A 20 -12.38 -16.73 -14.78
C GLN A 20 -12.74 -17.42 -13.47
N GLU A 21 -11.86 -18.27 -12.95
CA GLU A 21 -12.12 -18.90 -11.66
C GLU A 21 -12.23 -17.86 -10.55
N THR A 22 -11.31 -16.88 -10.56
CA THR A 22 -11.38 -15.82 -9.55
C THR A 22 -12.68 -15.03 -9.67
N LEU A 23 -13.10 -14.75 -10.89
CA LEU A 23 -14.37 -14.04 -11.09
C LEU A 23 -15.54 -14.85 -10.59
N LYS A 24 -15.52 -16.18 -10.81
CA LYS A 24 -16.58 -17.03 -10.32
C LYS A 24 -16.65 -16.99 -8.80
N TYR A 25 -15.50 -17.03 -8.13
CA TYR A 25 -15.49 -16.94 -6.67
C TYR A 25 -16.03 -15.58 -6.22
N ALA A 26 -15.62 -14.51 -6.90
CA ALA A 26 -16.11 -13.19 -6.53
C ALA A 26 -17.62 -13.08 -6.67
N LEU A 27 -18.17 -13.62 -7.77
CA LEU A 27 -19.62 -13.62 -7.95
C LEU A 27 -20.34 -14.41 -6.87
N GLU A 28 -19.72 -15.48 -6.36
CA GLU A 28 -20.27 -16.22 -5.24
C GLU A 28 -20.23 -15.44 -3.94
N LEU A 29 -19.21 -14.60 -3.76
CA LEU A 29 -19.12 -13.80 -2.53
C LEU A 29 -20.24 -12.78 -2.39
N GLN A 30 -21.19 -12.70 -3.32
CA GLN A 30 -22.24 -11.68 -3.22
C GLN A 30 -23.24 -12.00 -2.13
N LYS A 31 -23.38 -13.28 -1.75
CA LYS A 31 -24.22 -13.65 -0.62
C LYS A 31 -23.48 -13.34 0.66
N LEU A 32 -23.74 -12.15 1.21
CA LEU A 32 -22.97 -11.64 2.33
C LEU A 32 -23.25 -12.42 3.61
N ASN A 33 -22.27 -12.43 4.50
CA ASN A 33 -22.38 -13.08 5.81
C ASN A 33 -22.91 -12.05 6.80
N THR A 34 -24.19 -12.14 7.14
CA THR A 34 -24.85 -11.21 8.05
C THR A 34 -25.20 -11.87 9.38
N ASN A 35 -24.31 -12.72 9.87
CA ASN A 35 -24.54 -13.41 11.13
C ASN A 35 -23.90 -12.61 12.28
N VAL A 36 -24.14 -13.08 13.50
CA VAL A 36 -23.56 -12.47 14.69
C VAL A 36 -22.18 -13.06 14.92
N ALA A 37 -21.20 -12.19 15.16
CA ALA A 37 -19.82 -12.61 15.38
C ALA A 37 -19.66 -13.00 16.83
N LYS A 38 -19.77 -14.31 17.11
CA LYS A 38 -19.55 -14.78 18.47
C LYS A 38 -18.14 -14.49 18.95
N ASN A 39 -17.16 -14.50 18.04
CA ASN A 39 -15.76 -14.31 18.39
C ASN A 39 -15.16 -13.24 17.50
N VAL A 40 -14.17 -12.53 18.05
CA VAL A 40 -13.44 -11.50 17.33
C VAL A 40 -11.95 -11.67 17.61
N ILE A 41 -11.15 -11.68 16.55
CA ILE A 41 -9.71 -11.83 16.67
C ILE A 41 -9.05 -10.73 15.84
N MET A 42 -8.08 -10.04 16.45
CA MET A 42 -7.32 -9.00 15.77
C MET A 42 -5.86 -9.40 15.69
N PHE A 43 -5.31 -9.35 14.48
CA PHE A 43 -3.88 -9.55 14.26
C PHE A 43 -3.27 -8.20 13.88
N LEU A 44 -2.26 -7.78 14.62
CA LEU A 44 -1.59 -6.51 14.37
C LEU A 44 -0.12 -6.76 14.08
N GLY A 45 0.35 -6.24 12.94
CA GLY A 45 1.75 -6.29 12.61
C GLY A 45 2.41 -4.93 12.78
N ASP A 46 3.21 -4.77 13.82
CA ASP A 46 3.82 -3.48 14.13
C ASP A 46 4.79 -3.08 13.02
N GLY A 47 4.42 -2.07 12.23
CA GLY A 47 5.26 -1.61 11.15
C GLY A 47 5.12 -2.38 9.86
N MET A 48 4.15 -3.28 9.76
CA MET A 48 3.96 -4.11 8.57
C MET A 48 3.32 -3.29 7.46
N GLY A 49 4.16 -2.64 6.66
CA GLY A 49 3.67 -1.90 5.51
C GLY A 49 3.36 -2.80 4.32
N VAL A 50 2.81 -2.19 3.27
CA VAL A 50 2.48 -2.93 2.06
C VAL A 50 3.73 -3.52 1.43
N SER A 51 4.80 -2.73 1.34
CA SER A 51 6.05 -3.25 0.81
C SER A 51 6.57 -4.39 1.65
N THR A 52 6.45 -4.27 2.98
CA THR A 52 6.86 -5.37 3.86
C THR A 52 6.02 -6.61 3.59
N VAL A 53 4.72 -6.43 3.36
CA VAL A 53 3.86 -7.58 3.06
C VAL A 53 4.29 -8.27 1.79
N THR A 54 4.57 -7.50 0.73
CA THR A 54 5.00 -8.09 -0.53
C THR A 54 6.33 -8.81 -0.38
N ALA A 55 7.28 -8.19 0.32
CA ALA A 55 8.58 -8.84 0.53
C ALA A 55 8.43 -10.11 1.34
N ALA A 56 7.55 -10.10 2.35
CA ALA A 56 7.31 -11.30 3.14
C ALA A 56 6.69 -12.40 2.30
N ARG A 57 5.75 -12.04 1.41
CA ARG A 57 5.17 -13.05 0.53
C ARG A 57 6.23 -13.67 -0.36
N ILE A 58 7.10 -12.84 -0.94
CA ILE A 58 8.15 -13.36 -1.81
C ILE A 58 9.08 -14.27 -1.03
N LEU A 59 9.47 -13.87 0.18
CA LEU A 59 10.37 -14.69 0.99
C LEU A 59 9.72 -16.02 1.36
N LYS A 60 8.45 -15.99 1.76
CA LYS A 60 7.75 -17.21 2.11
C LYS A 60 7.67 -18.15 0.91
N GLY A 61 7.39 -17.61 -0.27
CA GLY A 61 7.38 -18.43 -1.46
C GLY A 61 8.74 -19.04 -1.75
N GLN A 62 9.80 -18.25 -1.59
CA GLN A 62 11.15 -18.75 -1.87
C GLN A 62 11.60 -19.79 -0.85
N LEU A 63 11.07 -19.72 0.38
CA LEU A 63 11.46 -20.69 1.39
C LEU A 63 11.02 -22.10 1.03
N HIS A 64 10.05 -22.25 0.13
CA HIS A 64 9.63 -23.55 -0.37
C HIS A 64 10.25 -23.88 -1.72
N HIS A 65 11.22 -23.09 -2.17
CA HIS A 65 11.92 -23.32 -3.43
C HIS A 65 11.00 -23.05 -4.63
N ASN A 66 10.20 -22.01 -4.54
CA ASN A 66 9.40 -21.49 -5.64
C ASN A 66 9.94 -20.14 -6.07
N PRO A 67 9.50 -19.64 -7.23
CA PRO A 67 9.91 -18.28 -7.63
C PRO A 67 9.52 -17.24 -6.61
N GLY A 68 8.35 -17.36 -5.99
CA GLY A 68 7.98 -16.51 -4.88
C GLY A 68 6.85 -15.54 -5.16
N GLU A 69 6.85 -14.93 -6.34
CA GLU A 69 5.89 -13.87 -6.63
C GLU A 69 4.45 -14.40 -6.70
N GLU A 70 4.26 -15.62 -7.18
CA GLU A 70 2.93 -16.19 -7.34
C GLU A 70 2.41 -16.86 -6.07
N THR A 71 3.19 -16.86 -4.99
CA THR A 71 2.76 -17.46 -3.74
C THR A 71 1.64 -16.64 -3.10
N ARG A 72 0.78 -17.34 -2.35
CA ARG A 72 -0.33 -16.71 -1.64
C ARG A 72 -0.06 -16.80 -0.14
N LEU A 73 -0.07 -15.64 0.53
CA LEU A 73 0.00 -15.62 1.98
C LEU A 73 -1.34 -16.04 2.58
N GLU A 74 -1.32 -16.37 3.87
CA GLU A 74 -2.55 -16.70 4.56
C GLU A 74 -3.51 -15.50 4.57
N MET A 75 -3.00 -14.33 4.95
CA MET A 75 -3.83 -13.12 4.93
C MET A 75 -4.30 -12.78 3.53
N ASP A 76 -3.57 -13.21 2.50
CA ASP A 76 -4.01 -12.98 1.13
C ASP A 76 -5.31 -13.70 0.82
N LYS A 77 -5.65 -14.75 1.58
CA LYS A 77 -6.88 -15.48 1.37
C LYS A 77 -8.07 -14.86 2.07
N PHE A 78 -7.87 -13.77 2.81
CA PHE A 78 -8.99 -13.09 3.46
C PHE A 78 -9.88 -12.44 2.40
N PRO A 79 -11.19 -12.68 2.43
CA PRO A 79 -12.04 -12.19 1.34
C PRO A 79 -11.99 -10.68 1.12
N PHE A 80 -11.93 -9.88 2.19
CA PHE A 80 -12.14 -8.44 2.04
C PHE A 80 -10.89 -7.65 2.43
N VAL A 81 -10.68 -6.52 1.75
CA VAL A 81 -9.51 -5.70 1.92
C VAL A 81 -9.90 -4.23 1.94
N ALA A 82 -9.19 -3.45 2.74
CA ALA A 82 -9.45 -2.01 2.86
C ALA A 82 -8.14 -1.30 3.19
N LEU A 83 -8.19 0.04 3.14
CA LEU A 83 -7.03 0.87 3.43
C LEU A 83 -7.34 1.79 4.62
N SER A 84 -6.33 2.05 5.44
CA SER A 84 -6.48 2.86 6.63
C SER A 84 -5.37 3.89 6.73
N LYS A 85 -5.75 5.09 7.18
CA LYS A 85 -4.83 6.19 7.42
C LYS A 85 -4.46 6.23 8.90
N THR A 86 -3.19 6.52 9.19
CA THR A 86 -2.65 6.31 10.52
C THR A 86 -1.95 7.55 11.07
N TYR A 87 -2.56 8.72 10.91
CA TYR A 87 -1.95 9.94 11.45
C TYR A 87 -2.46 10.21 12.87
N ASN A 88 -1.55 10.65 13.73
CA ASN A 88 -1.94 11.11 15.06
C ASN A 88 -2.46 12.54 14.99
N THR A 89 -3.28 12.90 15.99
CA THR A 89 -3.73 14.29 16.09
C THR A 89 -2.56 15.23 16.36
N ASN A 90 -1.42 14.71 16.81
CA ASN A 90 -0.27 15.52 17.16
C ASN A 90 0.87 15.44 16.15
N ALA A 91 0.98 14.34 15.40
CA ALA A 91 2.10 14.12 14.52
C ALA A 91 1.63 13.69 13.13
N GLN A 92 2.40 14.08 12.12
CA GLN A 92 2.15 13.64 10.76
C GLN A 92 2.59 12.19 10.55
N VAL A 93 3.75 11.83 11.07
CA VAL A 93 4.24 10.46 11.07
C VAL A 93 3.92 9.85 12.44
N PRO A 94 3.08 8.83 12.53
CA PRO A 94 2.51 8.43 13.81
C PRO A 94 3.51 7.68 14.69
N ASP A 95 3.10 7.50 15.93
CA ASP A 95 3.81 6.69 16.92
C ASP A 95 3.07 5.37 17.13
N SER A 96 3.61 4.53 18.00
CA SER A 96 3.00 3.25 18.30
C SER A 96 1.89 3.35 19.36
N ALA A 97 1.79 4.48 20.06
CA ALA A 97 0.81 4.63 21.14
C ALA A 97 -0.48 5.30 20.68
N GLY A 98 -0.38 6.45 20.01
CA GLY A 98 -1.59 7.10 19.52
C GLY A 98 -2.34 6.23 18.53
N THR A 99 -1.63 5.55 17.64
CA THR A 99 -2.27 4.64 16.71
C THR A 99 -2.95 3.49 17.44
N ALA A 100 -2.30 2.96 18.48
CA ALA A 100 -2.91 1.89 19.27
C ALA A 100 -4.20 2.37 19.91
N THR A 101 -4.20 3.57 20.48
CA THR A 101 -5.43 4.12 21.01
C THR A 101 -6.50 4.25 19.92
N ALA A 102 -6.09 4.74 18.74
CA ALA A 102 -7.05 4.94 17.67
C ALA A 102 -7.72 3.64 17.26
N TYR A 103 -6.94 2.56 17.10
CA TYR A 103 -7.51 1.32 16.59
C TYR A 103 -7.96 0.36 17.68
N LEU A 104 -7.80 0.71 18.96
CA LEU A 104 -8.33 -0.12 20.04
C LEU A 104 -9.49 0.50 20.79
N CYS A 105 -9.53 1.83 20.93
CA CYS A 105 -10.60 2.50 21.64
C CYS A 105 -11.53 3.29 20.74
N GLY A 106 -11.13 3.57 19.51
CA GLY A 106 -11.98 4.29 18.57
C GLY A 106 -11.85 5.79 18.60
N VAL A 107 -10.78 6.33 19.19
CA VAL A 107 -10.56 7.76 19.27
C VAL A 107 -9.10 8.05 18.97
N LYS A 108 -8.87 9.11 18.19
CA LYS A 108 -7.51 9.53 17.87
C LYS A 108 -6.97 10.40 19.00
N ALA A 109 -5.69 10.21 19.33
CA ALA A 109 -5.05 10.89 20.45
C ALA A 109 -3.67 11.36 20.03
N ASN A 110 -2.94 11.94 20.98
CA ASN A 110 -1.59 12.41 20.74
C ASN A 110 -0.59 11.26 20.84
N GLU A 111 0.58 11.47 20.24
CA GLU A 111 1.63 10.47 20.27
C GLU A 111 2.29 10.47 21.64
N GLY A 112 2.63 9.27 22.12
CA GLY A 112 3.24 9.10 23.42
C GLY A 112 2.28 8.90 24.57
N THR A 113 0.98 8.99 24.33
CA THR A 113 -0.04 8.80 25.36
C THR A 113 -0.87 7.57 25.03
N VAL A 114 -1.33 6.89 26.07
CA VAL A 114 -2.06 5.63 25.93
C VAL A 114 -3.40 5.75 26.64
N GLY A 115 -4.48 5.42 25.94
CA GLY A 115 -5.79 5.33 26.55
C GLY A 115 -6.39 6.65 26.98
N VAL A 116 -5.94 7.76 26.42
CA VAL A 116 -6.47 9.07 26.76
C VAL A 116 -6.78 9.83 25.47
N SER A 117 -7.74 10.75 25.57
CA SER A 117 -8.11 11.56 24.41
C SER A 117 -7.03 12.61 24.13
N ALA A 118 -7.28 13.43 23.11
CA ALA A 118 -6.30 14.43 22.69
C ALA A 118 -6.16 15.57 23.69
N ALA A 119 -7.05 15.66 24.68
CA ALA A 119 -6.96 16.73 25.67
C ALA A 119 -5.80 16.53 26.64
N THR A 120 -5.17 15.37 26.64
CA THR A 120 -4.06 15.08 27.54
C THR A 120 -2.74 15.57 26.95
N GLU A 121 -1.84 16.00 27.82
CA GLU A 121 -0.50 16.43 27.43
C GLU A 121 0.52 15.42 27.93
N ARG A 122 1.46 15.07 27.05
CA ARG A 122 2.45 14.06 27.41
C ARG A 122 3.27 14.52 28.61
N SER A 123 3.45 13.61 29.57
CA SER A 123 4.24 13.86 30.78
C SER A 123 3.56 14.79 31.76
N ARG A 124 2.23 14.77 31.82
CA ARG A 124 1.46 15.61 32.74
C ARG A 124 0.34 14.77 33.35
N CYS A 125 0.53 14.33 34.60
CA CYS A 125 -0.49 13.52 35.26
C CYS A 125 -1.80 14.28 35.43
N ASN A 126 -1.74 15.53 35.88
CA ASN A 126 -3.00 16.17 36.24
C ASN A 126 -3.83 16.58 35.04
N THR A 127 -3.39 16.29 33.81
CA THR A 127 -4.21 16.45 32.63
C THR A 127 -4.86 15.16 32.17
N THR A 128 -4.66 14.05 32.89
CA THR A 128 -5.20 12.76 32.48
C THR A 128 -6.59 12.48 33.07
N GLN A 129 -6.90 13.05 34.23
CA GLN A 129 -8.18 12.79 34.87
C GLN A 129 -9.32 13.39 34.04
N GLY A 130 -10.35 12.60 33.81
CA GLY A 130 -11.49 13.03 33.02
C GLY A 130 -11.34 12.86 31.52
N ASN A 131 -10.20 12.37 31.05
CA ASN A 131 -9.93 12.19 29.63
C ASN A 131 -9.57 10.74 29.32
N GLU A 132 -10.22 9.81 29.99
CA GLU A 132 -9.96 8.38 29.82
C GLU A 132 -10.95 7.77 28.84
N VAL A 133 -10.47 6.88 27.99
CA VAL A 133 -11.28 6.20 26.99
C VAL A 133 -11.06 4.70 27.13
N THR A 134 -12.16 3.94 27.13
CA THR A 134 -12.10 2.50 27.23
C THR A 134 -11.83 1.86 25.87
N SER A 135 -11.45 0.60 25.91
CA SER A 135 -11.06 -0.15 24.70
C SER A 135 -12.10 -1.22 24.39
N ILE A 136 -11.98 -1.79 23.19
CA ILE A 136 -12.90 -2.84 22.76
C ILE A 136 -12.78 -4.05 23.68
N LEU A 137 -11.60 -4.29 24.26
CA LEU A 137 -11.45 -5.39 25.20
C LEU A 137 -12.37 -5.20 26.41
N ARG A 138 -12.43 -3.97 26.93
CA ARG A 138 -13.32 -3.70 28.05
C ARG A 138 -14.78 -3.90 27.66
N TRP A 139 -15.15 -3.48 26.46
CA TRP A 139 -16.54 -3.67 26.00
C TRP A 139 -16.87 -5.16 25.92
N ALA A 140 -15.96 -5.95 25.35
CA ALA A 140 -16.20 -7.39 25.26
C ALA A 140 -16.30 -8.02 26.64
N LYS A 141 -15.42 -7.62 27.56
CA LYS A 141 -15.47 -8.18 28.92
C LYS A 141 -16.77 -7.83 29.62
N ASP A 142 -17.21 -6.57 29.47
CA ASP A 142 -18.48 -6.17 30.07
C ASP A 142 -19.65 -6.89 29.42
N ALA A 143 -19.52 -7.29 28.15
CA ALA A 143 -20.55 -8.08 27.52
C ALA A 143 -20.60 -9.52 28.03
N GLY A 144 -19.61 -9.93 28.83
CA GLY A 144 -19.56 -11.28 29.35
C GLY A 144 -18.66 -12.24 28.60
N LYS A 145 -17.86 -11.75 27.67
CA LYS A 145 -16.99 -12.59 26.86
C LYS A 145 -15.67 -12.86 27.59
N SER A 146 -14.81 -13.64 26.96
CA SER A 146 -13.45 -13.86 27.41
C SER A 146 -12.48 -13.04 26.57
N VAL A 147 -11.43 -12.54 27.20
CA VAL A 147 -10.47 -11.67 26.54
C VAL A 147 -9.06 -12.16 26.83
N GLY A 148 -8.14 -11.83 25.93
CA GLY A 148 -6.75 -12.22 26.08
C GLY A 148 -5.85 -11.39 25.20
N ILE A 149 -4.57 -11.35 25.57
CA ILE A 149 -3.56 -10.60 24.86
C ILE A 149 -2.34 -11.49 24.67
N VAL A 150 -1.81 -11.52 23.45
CA VAL A 150 -0.60 -12.29 23.12
C VAL A 150 0.29 -11.41 22.27
N THR A 151 1.58 -11.33 22.64
CA THR A 151 2.51 -10.50 21.90
C THR A 151 3.93 -11.02 22.13
N THR A 152 4.82 -10.65 21.20
CA THR A 152 6.23 -11.02 21.29
C THR A 152 7.08 -9.95 21.96
N THR A 153 6.50 -8.79 22.27
CA THR A 153 7.20 -7.72 22.96
C THR A 153 6.76 -7.69 24.42
N ARG A 154 7.20 -6.66 25.15
CA ARG A 154 6.78 -6.51 26.53
C ARG A 154 5.26 -6.34 26.61
N VAL A 155 4.66 -6.93 27.65
CA VAL A 155 3.22 -6.81 27.81
C VAL A 155 2.83 -5.36 28.08
N ASN A 156 3.67 -4.64 28.81
CA ASN A 156 3.43 -3.23 29.09
C ASN A 156 3.95 -2.31 27.99
N HIS A 157 4.14 -2.83 26.79
CA HIS A 157 4.51 -2.00 25.65
C HIS A 157 3.29 -1.19 25.19
N ALA A 158 3.54 -0.27 24.25
CA ALA A 158 2.48 0.66 23.85
C ALA A 158 1.28 -0.08 23.28
N THR A 159 1.50 -0.96 22.32
CA THR A 159 0.37 -1.64 21.67
C THR A 159 -0.43 -2.49 22.64
N PRO A 160 0.15 -3.43 23.38
CA PRO A 160 -0.64 -4.18 24.36
C PRO A 160 -1.22 -3.32 25.46
N SER A 161 -0.52 -2.26 25.87
CA SER A 161 -0.98 -1.43 26.98
C SER A 161 -2.11 -0.49 26.59
N ALA A 162 -2.30 -0.23 25.30
CA ALA A 162 -3.38 0.65 24.88
C ALA A 162 -4.76 0.07 25.13
N ALA A 163 -4.85 -1.22 25.45
CA ALA A 163 -6.14 -1.88 25.62
C ALA A 163 -6.65 -1.89 27.06
N TYR A 164 -5.78 -1.61 28.04
CA TYR A 164 -6.18 -1.71 29.44
C TYR A 164 -5.70 -0.57 30.32
N ALA A 165 -4.92 0.38 29.81
CA ALA A 165 -4.27 1.37 30.64
C ALA A 165 -4.59 2.77 30.14
N HIS A 166 -4.48 3.74 31.06
CA HIS A 166 -4.67 5.16 30.75
C HIS A 166 -3.49 5.91 31.37
N SER A 167 -2.52 6.29 30.53
CA SER A 167 -1.32 6.95 31.01
C SER A 167 -0.98 8.12 30.10
N ALA A 168 -0.32 9.12 30.66
CA ALA A 168 0.08 10.28 29.89
C ALA A 168 1.40 10.08 29.17
N ASP A 169 2.25 9.19 29.67
CA ASP A 169 3.55 8.91 29.06
C ASP A 169 3.70 7.42 28.83
N ARG A 170 4.24 7.05 27.67
CA ARG A 170 4.46 5.66 27.33
C ARG A 170 5.72 5.09 27.94
N ASP A 171 6.63 5.93 28.43
CA ASP A 171 7.89 5.47 29.01
C ASP A 171 7.74 4.95 30.43
N TRP A 172 6.59 5.15 31.06
CA TRP A 172 6.38 4.78 32.46
C TRP A 172 5.97 3.31 32.54
N TYR A 173 6.92 2.44 32.18
CA TYR A 173 6.70 1.00 32.32
C TYR A 173 6.46 0.62 33.77
N SER A 174 7.25 1.18 34.68
CA SER A 174 7.12 0.95 36.11
C SER A 174 7.56 2.20 36.85
N ASP A 175 7.41 2.18 38.18
CA ASP A 175 7.73 3.35 38.98
C ASP A 175 9.19 3.74 38.90
N ASN A 176 10.06 2.83 38.45
CA ASN A 176 11.47 3.14 38.31
C ASN A 176 11.75 4.13 37.18
N GLU A 177 10.80 4.35 36.27
CA GLU A 177 10.97 5.26 35.15
C GLU A 177 10.05 6.47 35.24
N MET A 178 9.51 6.74 36.42
CA MET A 178 8.55 7.83 36.60
C MET A 178 9.19 8.99 37.34
N PRO A 179 9.11 10.21 36.83
CA PRO A 179 9.69 11.34 37.55
C PRO A 179 8.97 11.57 38.86
N PRO A 180 9.66 12.14 39.86
CA PRO A 180 9.01 12.31 41.18
C PRO A 180 7.74 13.12 41.13
N GLU A 181 7.65 14.13 40.25
CA GLU A 181 6.44 14.93 40.17
C GLU A 181 5.24 14.08 39.78
N ALA A 182 5.41 13.18 38.80
CA ALA A 182 4.31 12.32 38.40
C ALA A 182 3.88 11.40 39.53
N LEU A 183 4.84 10.84 40.27
CA LEU A 183 4.51 9.96 41.38
C LEU A 183 3.74 10.72 42.47
N SER A 184 4.17 11.94 42.78
CA SER A 184 3.49 12.72 43.80
C SER A 184 2.07 13.07 43.38
N GLN A 185 1.87 13.40 42.10
CA GLN A 185 0.55 13.78 41.63
C GLN A 185 -0.44 12.62 41.67
N GLY A 186 0.03 11.38 41.74
CA GLY A 186 -0.85 10.24 41.81
C GLY A 186 -0.95 9.45 40.52
N CYS A 187 0.17 9.28 39.83
CA CYS A 187 0.25 8.48 38.62
C CYS A 187 0.63 7.05 38.95
N LYS A 188 -0.05 6.10 38.31
CA LYS A 188 0.28 4.69 38.39
C LYS A 188 0.86 4.23 37.05
N ASP A 189 1.95 3.48 37.11
CA ASP A 189 2.64 3.06 35.91
C ASP A 189 1.84 2.00 35.15
N ILE A 190 2.26 1.73 33.92
CA ILE A 190 1.51 0.82 33.05
C ILE A 190 1.47 -0.58 33.64
N ALA A 191 2.60 -1.05 34.16
CA ALA A 191 2.65 -2.40 34.73
C ALA A 191 1.68 -2.53 35.90
N TYR A 192 1.61 -1.52 36.76
CA TYR A 192 0.65 -1.54 37.86
C TYR A 192 -0.77 -1.56 37.33
N GLN A 193 -1.06 -0.76 36.31
CA GLN A 193 -2.41 -0.70 35.75
C GLN A 193 -2.81 -2.02 35.09
N LEU A 194 -1.86 -2.85 34.72
CA LEU A 194 -2.19 -4.11 34.05
C LEU A 194 -2.95 -5.06 34.98
N MET A 195 -2.58 -5.08 36.26
CA MET A 195 -3.17 -6.01 37.21
C MET A 195 -4.27 -5.38 38.06
N HIS A 196 -4.64 -4.13 37.81
CA HIS A 196 -5.63 -3.45 38.63
C HIS A 196 -6.81 -2.91 37.85
N ASN A 197 -6.60 -2.37 36.64
CA ASN A 197 -7.69 -1.79 35.88
C ASN A 197 -8.74 -2.84 35.55
N ILE A 198 -8.31 -3.95 34.95
CA ILE A 198 -9.18 -5.08 34.66
C ILE A 198 -8.59 -6.30 35.34
N ARG A 199 -9.34 -6.89 36.27
CA ARG A 199 -8.83 -7.94 37.13
C ARG A 199 -9.28 -9.33 36.71
N ASP A 200 -9.92 -9.47 35.56
CA ASP A 200 -10.38 -10.77 35.09
C ASP A 200 -10.03 -10.97 33.62
N ILE A 201 -8.79 -10.66 33.26
CA ILE A 201 -8.28 -10.98 31.93
C ILE A 201 -7.83 -12.44 31.93
N ASP A 202 -8.40 -13.24 31.02
CA ASP A 202 -8.20 -14.68 31.08
C ASP A 202 -6.79 -15.08 30.65
N VAL A 203 -6.29 -14.49 29.55
CA VAL A 203 -5.02 -14.92 28.96
C VAL A 203 -4.14 -13.70 28.77
N ILE A 204 -2.92 -13.77 29.31
CA ILE A 204 -1.88 -12.78 29.07
C ILE A 204 -0.57 -13.52 28.79
N MET A 205 0.09 -13.17 27.70
CA MET A 205 1.34 -13.82 27.33
C MET A 205 2.23 -12.83 26.60
N GLY A 206 3.52 -12.92 26.87
CA GLY A 206 4.50 -12.02 26.26
C GLY A 206 5.75 -11.93 27.12
N GLY A 207 6.44 -10.79 26.99
CA GLY A 207 7.62 -10.51 27.76
C GLY A 207 7.39 -9.46 28.84
N GLY A 208 8.50 -9.01 29.41
CA GLY A 208 8.44 -7.99 30.44
C GLY A 208 8.35 -8.55 31.85
N ARG A 209 9.26 -9.46 32.19
CA ARG A 209 9.28 -10.07 33.51
C ARG A 209 10.00 -9.24 34.55
N LYS A 210 10.84 -8.30 34.14
CA LYS A 210 11.59 -7.48 35.09
C LYS A 210 10.75 -6.39 35.73
N TYR A 211 9.61 -6.05 35.12
CA TYR A 211 8.78 -4.95 35.59
C TYR A 211 7.72 -5.38 36.59
N MET A 212 7.69 -6.65 36.97
CA MET A 212 6.69 -7.18 37.90
C MET A 212 7.26 -7.52 39.27
N TYR A 213 8.54 -7.27 39.51
CA TYR A 213 9.18 -7.75 40.72
C TYR A 213 9.90 -6.62 41.44
N PRO A 214 10.13 -6.75 42.75
CA PRO A 214 10.83 -5.70 43.49
C PRO A 214 12.25 -5.50 42.98
N LYS A 215 12.74 -4.26 43.13
CA LYS A 215 14.02 -3.87 42.57
C LYS A 215 15.17 -4.69 43.15
N ASN A 216 16.13 -5.01 42.30
CA ASN A 216 17.33 -5.81 42.61
C ASN A 216 17.07 -7.29 42.84
N LYS A 217 15.88 -7.80 42.56
CA LYS A 217 15.63 -9.23 42.72
C LYS A 217 16.08 -9.95 41.46
N THR A 218 16.92 -10.98 41.63
CA THR A 218 17.53 -11.65 40.50
C THR A 218 16.48 -12.42 39.70
N ASP A 219 16.71 -12.47 38.38
CA ASP A 219 15.78 -13.14 37.49
C ASP A 219 15.88 -14.67 37.66
N VAL A 220 14.79 -15.35 37.28
CA VAL A 220 14.74 -16.80 37.39
C VAL A 220 15.44 -17.49 36.24
N GLU A 221 15.61 -16.83 35.10
CA GLU A 221 16.24 -17.42 33.93
C GLU A 221 17.71 -17.03 33.81
N TYR A 222 18.04 -15.75 33.97
CA TYR A 222 19.41 -15.26 33.86
C TYR A 222 19.81 -14.75 35.25
N GLU A 223 20.32 -15.66 36.08
CA GLU A 223 20.72 -15.29 37.43
C GLU A 223 21.89 -14.32 37.42
N SER A 224 22.86 -14.55 36.54
CA SER A 224 24.05 -13.70 36.48
C SER A 224 23.85 -12.43 35.68
N ASP A 225 22.70 -12.25 35.04
CA ASP A 225 22.44 -11.07 34.23
C ASP A 225 22.06 -9.91 35.14
N GLU A 226 22.90 -8.87 35.18
CA GLU A 226 22.62 -7.72 36.02
C GLU A 226 21.52 -6.83 35.45
N LYS A 227 21.32 -6.86 34.13
CA LYS A 227 20.32 -6.02 33.48
C LYS A 227 18.94 -6.65 33.48
N ALA A 228 18.78 -7.85 34.02
CA ALA A 228 17.50 -8.54 34.04
C ALA A 228 16.84 -8.53 35.42
N ARG A 229 17.35 -7.72 36.34
CA ARG A 229 16.82 -7.70 37.70
C ARG A 229 15.55 -6.85 37.77
N GLY A 230 14.85 -6.97 38.90
CA GLY A 230 13.62 -6.24 39.10
C GLY A 230 13.84 -4.74 39.19
N THR A 231 12.77 -3.99 38.94
CA THR A 231 12.83 -2.54 38.87
C THR A 231 11.84 -1.81 39.77
N ARG A 232 10.85 -2.49 40.33
CA ARG A 232 9.82 -1.81 41.11
C ARG A 232 10.41 -1.23 42.39
N LEU A 233 10.09 0.04 42.65
CA LEU A 233 10.57 0.73 43.84
C LEU A 233 9.59 0.66 45.01
N ASP A 234 8.36 0.21 44.78
CA ASP A 234 7.37 0.10 45.83
C ASP A 234 7.33 -1.28 46.48
N GLY A 235 8.19 -2.20 46.04
CA GLY A 235 8.25 -3.53 46.64
C GLY A 235 7.09 -4.44 46.29
N LEU A 236 6.28 -4.08 45.31
CA LEU A 236 5.12 -4.88 44.94
C LEU A 236 5.55 -6.07 44.07
N ASP A 237 5.03 -7.25 44.39
CA ASP A 237 5.18 -8.43 43.57
C ASP A 237 3.89 -8.58 42.76
N LEU A 238 3.93 -8.15 41.50
CA LEU A 238 2.71 -8.03 40.71
C LEU A 238 2.14 -9.38 40.28
N VAL A 239 2.98 -10.42 40.19
CA VAL A 239 2.46 -11.75 39.85
C VAL A 239 1.57 -12.28 40.97
N ASP A 240 2.01 -12.12 42.22
CA ASP A 240 1.18 -12.52 43.35
C ASP A 240 -0.11 -11.71 43.40
N THR A 241 -0.02 -10.42 43.10
CA THR A 241 -1.22 -9.60 43.05
C THR A 241 -2.18 -10.10 41.97
N TRP A 242 -1.65 -10.45 40.80
CA TRP A 242 -2.50 -11.01 39.75
C TRP A 242 -3.17 -12.29 40.21
N LYS A 243 -2.42 -13.16 40.88
CA LYS A 243 -3.00 -14.41 41.37
C LYS A 243 -4.09 -14.16 42.41
N SER A 244 -3.88 -13.18 43.29
CA SER A 244 -4.80 -12.95 44.41
C SER A 244 -6.09 -12.28 44.00
N PHE A 245 -6.15 -11.70 42.81
CA PHE A 245 -7.35 -10.99 42.36
C PHE A 245 -8.39 -11.91 41.74
N LYS A 246 -8.11 -13.21 41.64
CA LYS A 246 -9.00 -14.16 40.99
C LYS A 246 -9.67 -15.05 42.01
N PRO A 247 -10.84 -15.61 41.68
CA PRO A 247 -11.55 -16.47 42.63
C PRO A 247 -10.73 -17.68 43.01
N ARG A 248 -10.94 -18.14 44.25
CA ARG A 248 -10.18 -19.26 44.78
C ARG A 248 -10.75 -20.62 44.38
N TYR A 249 -11.87 -20.65 43.66
CA TYR A 249 -12.42 -21.90 43.15
C TYR A 249 -12.18 -22.05 41.65
N LYS A 250 -11.29 -21.24 41.08
CA LYS A 250 -10.88 -21.33 39.69
C LYS A 250 -9.43 -21.80 39.61
N HIS A 251 -8.93 -21.93 38.39
CA HIS A 251 -7.59 -22.42 38.13
C HIS A 251 -6.77 -21.32 37.46
N SER A 252 -5.63 -21.00 38.06
CA SER A 252 -4.74 -19.96 37.54
C SER A 252 -3.32 -20.50 37.45
N HIS A 253 -2.64 -20.18 36.36
CA HIS A 253 -1.29 -20.68 36.09
C HIS A 253 -0.37 -19.54 35.69
N PHE A 254 0.87 -19.61 36.14
CA PHE A 254 1.94 -18.72 35.69
C PHE A 254 3.07 -19.55 35.12
N ILE A 255 3.50 -19.21 33.91
CA ILE A 255 4.55 -19.95 33.22
C ILE A 255 5.53 -18.94 32.62
N TRP A 256 6.78 -19.39 32.44
CA TRP A 256 7.82 -18.52 31.90
C TRP A 256 8.74 -19.23 30.91
N ASN A 257 8.32 -20.38 30.38
CA ASN A 257 9.25 -21.24 29.66
C ASN A 257 8.48 -22.38 28.98
N ARG A 258 9.02 -22.82 27.84
CA ARG A 258 8.24 -23.56 26.87
C ARG A 258 7.75 -24.90 27.40
N THR A 259 8.49 -25.52 28.33
CA THR A 259 8.19 -26.90 28.71
C THR A 259 6.79 -27.02 29.29
N GLU A 260 6.41 -26.12 30.21
CA GLU A 260 5.09 -26.21 30.82
C GLU A 260 4.02 -25.48 30.04
N LEU A 261 4.39 -24.71 29.01
CA LEU A 261 3.37 -24.11 28.15
C LEU A 261 2.67 -25.17 27.33
N LEU A 262 3.37 -26.23 26.94
CA LEU A 262 2.80 -27.32 26.17
C LEU A 262 2.29 -28.46 27.05
N THR A 263 2.47 -28.38 28.37
CA THR A 263 2.02 -29.40 29.29
C THR A 263 0.66 -29.09 29.90
N LEU A 264 0.16 -27.86 29.75
CA LEU A 264 -1.12 -27.50 30.33
C LEU A 264 -2.26 -28.17 29.56
N ASP A 265 -3.38 -28.34 30.25
CA ASP A 265 -4.61 -28.83 29.62
C ASP A 265 -5.57 -27.68 29.48
N PRO A 266 -5.78 -27.15 28.26
CA PRO A 266 -6.65 -25.98 28.11
C PRO A 266 -8.07 -26.21 28.59
N HIS A 267 -8.54 -27.45 28.63
CA HIS A 267 -9.88 -27.74 29.12
C HIS A 267 -10.01 -27.56 30.63
N ASN A 268 -8.90 -27.37 31.34
CA ASN A 268 -8.91 -27.18 32.79
C ASN A 268 -8.53 -25.77 33.20
N VAL A 269 -7.57 -25.14 32.52
CA VAL A 269 -7.10 -23.82 32.92
C VAL A 269 -8.20 -22.79 32.71
N ASP A 270 -8.29 -21.82 33.61
CA ASP A 270 -9.21 -20.71 33.51
C ASP A 270 -8.51 -19.38 33.29
N TYR A 271 -7.45 -19.09 34.05
CA TYR A 271 -6.67 -17.87 33.90
C TYR A 271 -5.20 -18.25 33.75
N LEU A 272 -4.56 -17.70 32.72
CA LEU A 272 -3.18 -18.02 32.40
C LEU A 272 -2.37 -16.75 32.22
N LEU A 273 -1.21 -16.68 32.87
CA LEU A 273 -0.27 -15.58 32.72
C LEU A 273 1.09 -16.14 32.37
N GLY A 274 1.66 -15.67 31.26
CA GLY A 274 2.95 -16.15 30.82
C GLY A 274 3.90 -15.05 30.39
N LEU A 275 5.05 -14.96 31.07
CA LEU A 275 6.10 -14.00 30.74
C LEU A 275 7.39 -14.78 30.51
N PHE A 276 7.90 -14.74 29.29
CA PHE A 276 8.98 -15.63 28.88
C PHE A 276 10.35 -14.97 28.83
N GLU A 277 10.42 -13.65 28.71
CA GLU A 277 11.70 -12.96 28.65
C GLU A 277 11.70 -11.74 29.57
N PRO A 278 12.86 -11.40 30.13
CA PRO A 278 12.91 -10.21 30.99
C PRO A 278 12.42 -8.94 30.31
N GLY A 279 12.78 -8.75 29.05
CA GLY A 279 12.31 -7.60 28.29
C GLY A 279 11.50 -8.00 27.08
N ASP A 280 12.04 -7.76 25.89
CA ASP A 280 11.41 -8.18 24.65
C ASP A 280 11.87 -9.58 24.28
N MET A 281 10.97 -10.33 23.64
CA MET A 281 11.30 -11.68 23.22
C MET A 281 12.26 -11.64 22.03
N GLN A 282 13.03 -12.70 21.88
CA GLN A 282 14.08 -12.74 20.87
C GLN A 282 13.50 -12.80 19.45
N TYR A 283 14.33 -12.47 18.48
CA TYR A 283 13.96 -12.62 17.09
C TYR A 283 13.69 -14.10 16.78
N GLU A 284 12.85 -14.34 15.77
CA GLU A 284 12.54 -15.71 15.39
C GLU A 284 13.79 -16.46 14.92
N LEU A 285 14.72 -15.76 14.28
CA LEU A 285 15.96 -16.39 13.83
C LEU A 285 16.93 -16.65 14.97
N ASN A 286 16.84 -15.88 16.06
CA ASN A 286 17.72 -16.06 17.22
C ASN A 286 17.02 -16.79 18.36
N ARG A 287 15.81 -17.28 18.15
CA ARG A 287 15.06 -17.93 19.21
C ARG A 287 15.69 -19.28 19.58
N ASN A 288 15.61 -19.60 20.86
CA ASN A 288 16.07 -20.87 21.41
C ASN A 288 14.84 -21.75 21.62
N ASN A 289 14.61 -22.70 20.70
CA ASN A 289 13.34 -23.40 20.74
C ASN A 289 13.17 -24.21 22.01
N VAL A 290 14.28 -24.49 22.71
CA VAL A 290 14.22 -25.34 23.89
C VAL A 290 13.46 -24.64 25.03
N THR A 291 13.73 -23.35 25.23
CA THR A 291 13.19 -22.63 26.37
C THR A 291 12.05 -21.68 26.02
N ASP A 292 11.99 -21.18 24.79
CA ASP A 292 10.98 -20.19 24.45
C ASP A 292 10.03 -20.73 23.39
N PRO A 293 8.77 -20.31 23.42
CA PRO A 293 7.80 -20.73 22.41
C PRO A 293 7.75 -19.74 21.25
N SER A 294 7.11 -20.18 20.16
CA SER A 294 6.86 -19.34 19.00
C SER A 294 5.47 -18.74 19.09
N LEU A 295 5.21 -17.78 18.19
CA LEU A 295 3.92 -17.09 18.21
C LEU A 295 2.78 -18.07 17.94
N SER A 296 2.97 -19.01 17.03
CA SER A 296 1.90 -19.93 16.67
C SER A 296 1.46 -20.78 17.86
N GLU A 297 2.42 -21.29 18.63
CA GLU A 297 2.07 -22.12 19.78
C GLU A 297 1.28 -21.33 20.81
N MET A 298 1.72 -20.11 21.09
CA MET A 298 0.99 -19.26 22.05
C MET A 298 -0.42 -18.97 21.54
N VAL A 299 -0.56 -18.68 20.25
CA VAL A 299 -1.89 -18.39 19.70
C VAL A 299 -2.78 -19.61 19.82
N VAL A 300 -2.24 -20.80 19.51
CA VAL A 300 -3.05 -22.02 19.59
C VAL A 300 -3.51 -22.26 21.02
N VAL A 301 -2.60 -22.13 21.98
CA VAL A 301 -2.97 -22.35 23.38
C VAL A 301 -4.01 -21.34 23.83
N ALA A 302 -3.82 -20.07 23.47
CA ALA A 302 -4.76 -19.03 23.88
C ALA A 302 -6.14 -19.30 23.30
N ILE A 303 -6.23 -19.67 22.02
CA ILE A 303 -7.52 -19.96 21.41
C ILE A 303 -8.17 -21.16 22.09
N GLN A 304 -7.38 -22.21 22.36
CA GLN A 304 -7.92 -23.37 23.03
C GLN A 304 -8.52 -23.00 24.38
N ILE A 305 -7.83 -22.15 25.14
CA ILE A 305 -8.34 -21.76 26.45
C ILE A 305 -9.58 -20.88 26.31
N LEU A 306 -9.57 -19.95 25.34
CA LEU A 306 -10.64 -18.96 25.24
C LEU A 306 -11.94 -19.53 24.68
N ARG A 307 -11.86 -20.52 23.79
CA ARG A 307 -13.07 -20.97 23.11
C ARG A 307 -14.07 -21.66 24.03
N LYS A 308 -13.80 -21.77 25.33
CA LYS A 308 -14.70 -22.50 26.22
C LYS A 308 -15.94 -21.70 26.58
N ASN A 309 -15.81 -20.39 26.75
CA ASN A 309 -16.93 -19.60 27.23
C ASN A 309 -18.06 -19.61 26.20
N PRO A 310 -19.30 -19.94 26.61
CA PRO A 310 -20.40 -20.08 25.63
C PRO A 310 -20.80 -18.77 24.96
N LYS A 311 -20.24 -17.62 25.36
CA LYS A 311 -20.63 -16.34 24.80
C LYS A 311 -19.56 -15.75 23.89
N GLY A 312 -18.60 -16.55 23.46
CA GLY A 312 -17.57 -16.07 22.56
C GLY A 312 -16.35 -15.55 23.30
N PHE A 313 -15.53 -14.82 22.55
CA PHE A 313 -14.31 -14.25 23.13
C PHE A 313 -13.75 -13.21 22.18
N PHE A 314 -12.82 -12.40 22.71
CA PHE A 314 -12.05 -11.46 21.92
C PHE A 314 -10.57 -11.69 22.21
N LEU A 315 -9.76 -11.74 21.15
CA LEU A 315 -8.34 -11.99 21.28
C LEU A 315 -7.56 -10.97 20.44
N LEU A 316 -6.44 -10.52 20.99
CA LEU A 316 -5.54 -9.61 20.30
C LEU A 316 -4.16 -10.24 20.22
N VAL A 317 -3.61 -10.28 19.01
CA VAL A 317 -2.30 -10.86 18.75
C VAL A 317 -1.43 -9.82 18.06
N GLU A 318 -0.21 -9.65 18.55
CA GLU A 318 0.70 -8.64 18.02
C GLU A 318 2.03 -9.29 17.66
N GLY A 319 2.44 -9.12 16.40
CA GLY A 319 3.81 -9.40 16.02
C GLY A 319 4.61 -8.12 16.09
N GLY A 320 5.32 -7.91 17.20
CA GLY A 320 5.89 -6.61 17.49
C GLY A 320 7.33 -6.40 17.08
N ARG A 321 8.07 -7.48 16.82
CA ARG A 321 9.49 -7.33 16.55
C ARG A 321 9.79 -6.98 15.10
N ILE A 322 8.78 -6.92 14.22
CA ILE A 322 8.99 -6.37 12.89
C ILE A 322 9.43 -4.92 12.99
N ASP A 323 8.81 -4.15 13.88
CA ASP A 323 9.19 -2.77 14.08
C ASP A 323 10.64 -2.66 14.50
N HIS A 324 11.06 -3.48 15.47
CA HIS A 324 12.45 -3.42 15.94
C HIS A 324 13.41 -3.84 14.84
N GLY A 325 13.07 -4.89 14.09
CA GLY A 325 13.93 -5.31 13.00
C GLY A 325 14.13 -4.21 11.97
N HIS A 326 13.05 -3.54 11.59
CA HIS A 326 13.17 -2.42 10.66
C HIS A 326 13.98 -1.28 11.28
N HIS A 327 13.77 -1.00 12.56
CA HIS A 327 14.50 0.08 13.22
C HIS A 327 16.00 -0.18 13.19
N GLU A 328 16.41 -1.41 13.44
CA GLU A 328 17.83 -1.75 13.38
C GLU A 328 18.37 -1.69 11.95
N GLY A 329 17.50 -1.70 10.95
CA GLY A 329 17.94 -1.76 9.58
C GLY A 329 18.26 -3.16 9.08
N LYS A 330 17.68 -4.19 9.71
CA LYS A 330 17.91 -5.58 9.34
C LYS A 330 16.63 -6.13 8.73
N ALA A 331 16.56 -6.13 7.40
CA ALA A 331 15.35 -6.55 6.71
C ALA A 331 15.07 -8.04 6.89
N LYS A 332 16.12 -8.85 7.01
CA LYS A 332 15.92 -10.29 7.15
C LYS A 332 15.08 -10.63 8.37
N GLN A 333 15.42 -10.03 9.52
CA GLN A 333 14.70 -10.32 10.75
C GLN A 333 13.25 -9.89 10.64
N ALA A 334 12.99 -8.71 10.09
CA ALA A 334 11.62 -8.23 9.95
C ALA A 334 10.80 -9.14 9.04
N LEU A 335 11.38 -9.54 7.91
CA LEU A 335 10.66 -10.43 6.99
C LEU A 335 10.37 -11.77 7.64
N HIS A 336 11.33 -12.32 8.39
CA HIS A 336 11.08 -13.59 9.08
C HIS A 336 9.99 -13.44 10.13
N GLU A 337 9.98 -12.31 10.85
CA GLU A 337 8.91 -12.06 11.82
C GLU A 337 7.55 -12.01 11.13
N ALA A 338 7.48 -11.34 9.98
CA ALA A 338 6.22 -11.28 9.24
C ALA A 338 5.77 -12.68 8.80
N VAL A 339 6.72 -13.51 8.34
CA VAL A 339 6.37 -14.87 7.95
C VAL A 339 5.83 -15.65 9.13
N GLU A 340 6.47 -15.49 10.30
CA GLU A 340 5.99 -16.18 11.50
C GLU A 340 4.58 -15.73 11.86
N MET A 341 4.31 -14.43 11.76
CA MET A 341 2.96 -13.94 12.05
C MET A 341 1.96 -14.52 11.07
N ASP A 342 2.33 -14.65 9.79
CA ASP A 342 1.43 -15.25 8.82
C ASP A 342 1.14 -16.71 9.18
N ARG A 343 2.17 -17.44 9.63
CA ARG A 343 1.95 -18.82 10.05
C ARG A 343 0.98 -18.88 11.24
N ALA A 344 1.14 -17.96 12.19
CA ALA A 344 0.21 -17.90 13.32
C ALA A 344 -1.21 -17.61 12.85
N ILE A 345 -1.35 -16.71 11.86
CA ILE A 345 -2.66 -16.43 11.29
C ILE A 345 -3.27 -17.68 10.70
N GLY A 346 -2.47 -18.45 9.97
CA GLY A 346 -2.97 -19.69 9.40
C GLY A 346 -3.43 -20.67 10.45
N GLN A 347 -2.66 -20.82 11.53
CA GLN A 347 -3.06 -21.71 12.62
C GLN A 347 -4.38 -21.25 13.23
N ALA A 348 -4.50 -19.94 13.51
CA ALA A 348 -5.73 -19.42 14.10
C ALA A 348 -6.92 -19.67 13.18
N GLY A 349 -6.75 -19.43 11.88
CA GLY A 349 -7.81 -19.73 10.94
C GLY A 349 -8.19 -21.20 10.94
N SER A 350 -7.21 -22.08 11.09
CA SER A 350 -7.51 -23.50 11.17
C SER A 350 -8.29 -23.85 12.42
N LEU A 351 -8.06 -23.15 13.53
CA LEU A 351 -8.69 -23.52 14.79
C LEU A 351 -10.12 -23.02 14.94
N THR A 352 -10.58 -22.09 14.11
CA THR A 352 -11.90 -21.50 14.27
C THR A 352 -12.73 -21.69 12.99
N SER A 353 -13.93 -21.12 13.00
CA SER A 353 -14.86 -21.20 11.88
C SER A 353 -15.30 -19.80 11.49
N SER A 354 -15.48 -19.59 10.19
CA SER A 354 -15.81 -18.28 9.65
C SER A 354 -17.31 -17.99 9.65
N GLU A 355 -18.15 -18.96 10.00
CA GLU A 355 -19.59 -18.72 10.04
C GLU A 355 -20.01 -17.92 11.27
N ASP A 356 -19.18 -17.87 12.31
CA ASP A 356 -19.51 -17.11 13.51
C ASP A 356 -18.32 -16.35 14.07
N THR A 357 -17.21 -16.27 13.35
CA THR A 357 -16.00 -15.59 13.82
C THR A 357 -15.58 -14.54 12.80
N LEU A 358 -15.31 -13.34 13.28
CA LEU A 358 -14.83 -12.24 12.44
C LEU A 358 -13.36 -11.99 12.75
N THR A 359 -12.52 -12.03 11.73
CA THR A 359 -11.08 -11.91 11.87
C THR A 359 -10.58 -10.74 11.05
N VAL A 360 -9.74 -9.91 11.66
CA VAL A 360 -9.17 -8.72 11.04
C VAL A 360 -7.67 -8.72 11.26
N VAL A 361 -6.92 -8.43 10.21
CA VAL A 361 -5.46 -8.32 10.26
C VAL A 361 -5.09 -6.96 9.70
N THR A 362 -4.22 -6.25 10.41
CA THR A 362 -3.83 -4.90 9.99
C THR A 362 -2.51 -4.53 10.66
N ALA A 363 -2.07 -3.30 10.41
CA ALA A 363 -0.84 -2.76 10.98
C ALA A 363 -1.13 -1.38 11.55
N ASP A 364 -0.23 -0.92 12.41
CA ASP A 364 -0.37 0.40 13.04
C ASP A 364 0.23 1.51 12.21
N HIS A 365 1.34 1.25 11.52
CA HIS A 365 1.98 2.26 10.69
C HIS A 365 2.92 1.54 9.72
N SER A 366 3.77 2.33 9.03
CA SER A 366 4.68 1.77 8.04
C SER A 366 6.11 2.18 8.33
N HIS A 367 7.03 1.89 7.40
CA HIS A 367 8.44 2.22 7.57
C HIS A 367 8.94 2.80 6.25
N VAL A 368 10.26 2.96 6.14
CA VAL A 368 10.86 3.52 4.93
C VAL A 368 11.68 2.46 4.22
N PHE A 369 11.27 1.20 4.37
CA PHE A 369 11.90 0.08 3.69
C PHE A 369 11.46 0.04 2.23
N THR A 370 12.41 -0.13 1.31
CA THR A 370 12.11 -0.18 -0.11
C THR A 370 12.90 -1.33 -0.74
N PHE A 371 12.39 -1.83 -1.87
CA PHE A 371 13.10 -2.86 -2.61
C PHE A 371 12.75 -2.75 -4.08
N GLY A 372 13.77 -2.83 -4.94
CA GLY A 372 13.59 -2.73 -6.37
C GLY A 372 14.85 -3.11 -7.13
N GLY A 373 15.16 -2.38 -8.20
CA GLY A 373 16.37 -2.60 -8.95
C GLY A 373 16.22 -3.42 -10.22
N TYR A 374 15.00 -3.67 -10.68
CA TYR A 374 14.75 -4.44 -11.89
C TYR A 374 15.36 -5.84 -11.78
N THR A 375 14.87 -6.59 -10.80
CA THR A 375 15.44 -7.91 -10.61
C THR A 375 14.73 -8.94 -11.47
N PRO A 376 15.43 -9.99 -11.88
CA PRO A 376 14.79 -11.07 -12.65
C PRO A 376 13.85 -11.89 -11.79
N ARG A 377 12.92 -12.57 -12.45
CA ARG A 377 11.97 -13.40 -11.75
C ARG A 377 12.69 -14.48 -10.95
N GLY A 378 12.29 -14.66 -9.70
CA GLY A 378 12.89 -15.64 -8.82
C GLY A 378 14.17 -15.20 -8.15
N ASN A 379 14.61 -13.96 -8.36
CA ASN A 379 15.82 -13.47 -7.71
C ASN A 379 15.64 -13.45 -6.20
N SER A 380 16.70 -13.83 -5.48
CA SER A 380 16.64 -13.84 -4.02
C SER A 380 16.28 -12.47 -3.49
N ILE A 381 15.36 -12.44 -2.51
CA ILE A 381 14.92 -11.17 -1.94
C ILE A 381 16.10 -10.44 -1.30
N PHE A 382 17.10 -11.18 -0.83
CA PHE A 382 18.28 -10.60 -0.21
C PHE A 382 19.47 -10.53 -1.18
N GLY A 383 19.21 -10.64 -2.48
CA GLY A 383 20.26 -10.66 -3.48
C GLY A 383 20.64 -9.29 -3.97
N LEU A 384 21.44 -9.27 -5.03
CA LEU A 384 21.94 -8.06 -5.65
C LEU A 384 21.07 -7.66 -6.84
N ALA A 385 21.31 -6.44 -7.33
CA ALA A 385 20.65 -6.03 -8.55
C ALA A 385 21.42 -6.55 -9.76
N PRO A 386 20.74 -6.77 -10.88
CA PRO A 386 21.43 -7.37 -12.04
C PRO A 386 22.59 -6.56 -12.56
N MET A 387 22.53 -5.23 -12.48
CA MET A 387 23.52 -4.36 -13.09
C MET A 387 24.33 -3.64 -12.02
N LEU A 388 25.41 -3.00 -12.48
CA LEU A 388 26.21 -2.13 -11.64
C LEU A 388 25.65 -0.71 -11.66
N SER A 389 26.13 0.11 -10.74
CA SER A 389 25.76 1.52 -10.71
C SER A 389 26.50 2.25 -11.83
N ASP A 390 25.74 2.96 -12.67
CA ASP A 390 26.32 3.67 -13.80
C ASP A 390 27.00 4.97 -13.40
N THR A 391 27.16 5.23 -12.11
CA THR A 391 27.83 6.43 -11.63
C THR A 391 29.14 6.16 -10.92
N ASP A 392 29.20 5.13 -10.07
CA ASP A 392 30.44 4.75 -9.40
C ASP A 392 30.94 3.37 -9.79
N LYS A 393 30.20 2.62 -10.61
CA LYS A 393 30.65 1.32 -11.12
C LYS A 393 30.78 0.29 -10.00
N LYS A 394 29.84 0.30 -9.06
CA LYS A 394 29.85 -0.64 -7.95
C LYS A 394 28.47 -1.26 -7.79
N PRO A 395 28.41 -2.47 -7.23
CA PRO A 395 27.13 -3.17 -7.10
C PRO A 395 26.30 -2.61 -5.93
N PHE A 396 25.06 -3.07 -5.87
CA PHE A 396 24.16 -2.71 -4.78
C PHE A 396 23.06 -3.76 -4.68
N THR A 397 22.39 -3.75 -3.54
CA THR A 397 21.34 -4.73 -3.27
C THR A 397 19.98 -4.18 -3.69
N ALA A 398 19.00 -5.08 -3.80
CA ALA A 398 17.64 -4.69 -4.16
C ALA A 398 16.88 -4.06 -3.00
N ILE A 399 17.33 -4.26 -1.77
CA ILE A 399 16.67 -3.72 -0.59
C ILE A 399 17.47 -2.53 -0.08
N LEU A 400 16.75 -1.46 0.25
CA LEU A 400 17.38 -0.24 0.72
C LEU A 400 16.47 0.45 1.73
N TYR A 401 17.03 1.41 2.46
CA TYR A 401 16.32 2.16 3.47
C TYR A 401 16.50 3.65 3.21
N GLY A 402 15.45 4.43 3.48
CA GLY A 402 15.57 5.87 3.35
C GLY A 402 16.60 6.45 4.30
N ASN A 403 16.55 6.01 5.55
CA ASN A 403 17.52 6.43 6.57
C ASN A 403 17.75 5.26 7.51
N GLY A 404 18.76 5.41 8.37
CA GLY A 404 19.06 4.41 9.37
C GLY A 404 20.54 4.13 9.52
N PRO A 405 20.87 3.12 10.33
CA PRO A 405 22.29 2.82 10.59
C PRO A 405 23.01 2.18 9.41
N GLY A 406 22.31 1.83 8.34
CA GLY A 406 22.96 1.18 7.20
C GLY A 406 23.89 2.08 6.43
N TYR A 407 23.86 3.39 6.67
CA TYR A 407 24.77 4.31 6.00
C TYR A 407 26.21 3.91 6.27
N LYS A 408 27.01 3.86 5.21
CA LYS A 408 28.42 3.47 5.33
C LYS A 408 29.18 4.10 4.16
N VAL A 409 29.91 5.17 4.44
CA VAL A 409 30.71 5.85 3.43
C VAL A 409 32.08 6.18 4.02
N VAL A 410 33.10 5.43 3.63
CA VAL A 410 34.44 5.59 4.15
C VAL A 410 35.28 6.34 3.12
N GLY A 411 35.89 7.44 3.54
CA GLY A 411 36.75 8.21 2.66
C GLY A 411 36.07 8.72 1.41
N GLY A 412 34.81 9.10 1.51
CA GLY A 412 34.07 9.64 0.39
C GLY A 412 33.55 8.62 -0.58
N GLU A 413 33.79 7.34 -0.36
CA GLU A 413 33.37 6.27 -1.25
C GLU A 413 32.43 5.32 -0.52
N ARG A 414 31.33 4.96 -1.17
CA ARG A 414 30.45 3.97 -0.59
C ARG A 414 31.09 2.59 -0.67
N GLU A 415 30.34 1.59 -0.23
CA GLU A 415 30.92 0.28 0.02
C GLU A 415 30.87 -0.62 -1.21
N ASN A 416 31.94 -1.39 -1.39
CA ASN A 416 31.87 -2.69 -2.06
C ASN A 416 31.06 -3.63 -1.18
N VAL A 417 29.80 -3.82 -1.55
CA VAL A 417 29.00 -4.89 -0.97
C VAL A 417 29.49 -6.26 -1.40
N SER A 418 30.26 -6.34 -2.49
CA SER A 418 30.73 -7.64 -2.97
C SER A 418 31.83 -8.19 -2.08
N MET A 419 32.49 -7.34 -1.29
CA MET A 419 33.49 -7.79 -0.33
C MET A 419 32.88 -8.13 1.02
N VAL A 420 31.55 -8.14 1.12
CA VAL A 420 30.85 -8.39 2.37
C VAL A 420 29.77 -9.43 2.13
N ASP A 421 29.32 -10.05 3.22
CA ASP A 421 28.22 -11.02 3.17
C ASP A 421 26.92 -10.25 3.28
N TYR A 422 26.25 -10.02 2.15
CA TYR A 422 25.02 -9.26 2.10
C TYR A 422 23.79 -10.12 2.34
N ALA A 423 23.95 -11.42 2.54
CA ALA A 423 22.85 -12.32 2.88
C ALA A 423 22.88 -12.71 4.35
N HIS A 424 23.74 -12.08 5.16
CA HIS A 424 23.86 -12.41 6.56
C HIS A 424 22.60 -11.99 7.32
N ASN A 425 22.36 -12.66 8.45
CA ASN A 425 21.17 -12.38 9.25
C ASN A 425 21.17 -10.94 9.75
N ASN A 426 22.31 -10.45 10.22
CA ASN A 426 22.41 -9.11 10.80
C ASN A 426 23.05 -8.11 9.86
N TYR A 427 22.78 -8.22 8.56
CA TYR A 427 23.31 -7.26 7.60
C TYR A 427 22.39 -6.06 7.51
N GLN A 428 22.99 -4.87 7.42
CA GLN A 428 22.27 -3.60 7.37
C GLN A 428 22.37 -3.04 5.96
N ALA A 429 21.24 -2.99 5.26
CA ALA A 429 21.22 -2.42 3.92
C ALA A 429 21.53 -0.93 3.96
N GLN A 430 22.21 -0.45 2.92
CA GLN A 430 22.63 0.94 2.88
C GLN A 430 21.42 1.88 2.88
N SER A 431 21.63 3.07 3.43
CA SER A 431 20.58 4.08 3.54
C SER A 431 21.12 5.41 3.04
N ALA A 432 20.25 6.42 3.02
CA ALA A 432 20.62 7.73 2.47
C ALA A 432 21.30 8.61 3.51
N VAL A 433 20.68 8.77 4.68
CA VAL A 433 21.22 9.63 5.73
C VAL A 433 21.49 8.79 6.97
N PRO A 434 22.63 8.99 7.64
CA PRO A 434 22.99 8.13 8.77
C PRO A 434 22.23 8.52 10.03
N LEU A 435 21.55 7.55 10.62
CA LEU A 435 20.84 7.73 11.88
C LEU A 435 21.10 6.51 12.76
N ARG A 436 20.99 6.72 14.07
CA ARG A 436 21.11 5.59 15.00
C ARG A 436 20.00 4.58 14.76
N HIS A 437 18.78 5.06 14.53
CA HIS A 437 17.66 4.21 14.17
C HIS A 437 16.92 4.85 13.00
N GLU A 438 16.45 4.01 12.08
CA GLU A 438 15.62 4.47 10.98
C GLU A 438 14.20 4.74 11.47
N THR A 439 13.55 5.70 10.84
CA THR A 439 12.28 6.22 11.32
C THR A 439 11.09 5.51 10.67
N HIS A 440 9.90 5.85 11.15
CA HIS A 440 8.66 5.27 10.64
C HIS A 440 8.33 5.88 9.27
N GLY A 441 7.20 5.43 8.72
CA GLY A 441 6.70 5.96 7.47
C GLY A 441 5.27 6.46 7.61
N GLY A 442 4.88 7.41 6.77
CA GLY A 442 3.57 8.03 6.89
C GLY A 442 2.54 7.56 5.89
N GLU A 443 2.80 6.44 5.22
CA GLU A 443 1.88 5.92 4.23
C GLU A 443 0.75 5.14 4.89
N ASP A 444 -0.31 4.90 4.11
CA ASP A 444 -1.45 4.15 4.60
C ASP A 444 -1.08 2.68 4.80
N VAL A 445 -1.97 1.95 5.47
CA VAL A 445 -1.76 0.53 5.72
C VAL A 445 -2.98 -0.25 5.24
N ALA A 446 -2.79 -1.55 5.09
CA ALA A 446 -3.84 -2.42 4.57
C ALA A 446 -4.53 -3.17 5.71
N VAL A 447 -5.79 -3.51 5.48
CA VAL A 447 -6.60 -4.26 6.43
C VAL A 447 -7.26 -5.41 5.69
N PHE A 448 -7.14 -6.62 6.22
CA PHE A 448 -7.73 -7.82 5.65
C PHE A 448 -8.76 -8.37 6.62
N SER A 449 -9.97 -8.61 6.12
CA SER A 449 -11.09 -9.03 6.95
C SER A 449 -11.77 -10.25 6.36
N LYS A 450 -12.21 -11.14 7.25
CA LYS A 450 -12.96 -12.33 6.85
C LYS A 450 -13.89 -12.74 7.98
N GLY A 451 -15.15 -12.98 7.64
CA GLY A 451 -16.11 -13.42 8.63
C GLY A 451 -17.40 -12.62 8.60
N PRO A 452 -18.23 -12.79 9.63
CA PRO A 452 -19.52 -12.09 9.64
C PRO A 452 -19.34 -10.59 9.55
N MET A 453 -20.16 -9.96 8.70
CA MET A 453 -20.16 -8.52 8.50
C MET A 453 -18.79 -7.97 8.14
N ALA A 454 -17.89 -8.83 7.66
CA ALA A 454 -16.55 -8.37 7.28
C ALA A 454 -16.58 -7.41 6.10
N HIS A 455 -17.68 -7.42 5.33
CA HIS A 455 -17.78 -6.54 4.17
C HIS A 455 -17.94 -5.07 4.53
N LEU A 456 -18.18 -4.76 5.82
CA LEU A 456 -18.32 -3.37 6.22
C LEU A 456 -17.01 -2.59 6.11
N LEU A 457 -15.88 -3.28 6.09
CA LEU A 457 -14.57 -2.67 5.88
C LEU A 457 -14.26 -2.78 4.38
N HIS A 458 -14.67 -1.77 3.62
CA HIS A 458 -14.68 -1.86 2.16
C HIS A 458 -13.70 -0.91 1.47
N GLY A 459 -13.56 0.32 1.95
CA GLY A 459 -12.74 1.28 1.24
C GLY A 459 -11.67 1.94 2.07
N VAL A 460 -11.53 3.26 1.93
CA VAL A 460 -10.54 4.04 2.65
C VAL A 460 -11.20 4.58 3.91
N HIS A 461 -10.62 4.28 5.08
CA HIS A 461 -11.20 4.63 6.35
C HIS A 461 -10.14 5.22 7.27
N GLU A 462 -10.60 5.97 8.27
CA GLU A 462 -9.73 6.38 9.35
C GLU A 462 -9.47 5.20 10.28
N GLN A 463 -8.32 5.23 10.95
CA GLN A 463 -7.93 4.09 11.78
C GLN A 463 -8.95 3.83 12.88
N ASN A 464 -9.43 4.88 13.54
CA ASN A 464 -10.36 4.70 14.64
C ASN A 464 -11.66 4.04 14.22
N TYR A 465 -11.98 4.03 12.93
CA TYR A 465 -13.17 3.35 12.45
C TYR A 465 -13.09 1.83 12.63
N VAL A 466 -11.88 1.28 12.76
CA VAL A 466 -11.74 -0.19 12.78
C VAL A 466 -12.50 -0.81 13.95
N PRO A 467 -12.34 -0.37 15.20
CA PRO A 467 -13.05 -1.04 16.30
C PRO A 467 -14.55 -0.81 16.32
N HIS A 468 -15.05 0.21 15.63
CA HIS A 468 -16.49 0.48 15.68
C HIS A 468 -17.28 -0.57 14.91
N VAL A 469 -16.77 -1.01 13.76
CA VAL A 469 -17.47 -2.03 12.99
C VAL A 469 -17.46 -3.35 13.76
N MET A 470 -16.29 -3.76 14.26
CA MET A 470 -16.18 -5.02 14.98
C MET A 470 -17.20 -5.11 16.09
N ALA A 471 -17.28 -4.08 16.93
CA ALA A 471 -18.26 -4.05 18.00
C ALA A 471 -19.67 -4.30 17.45
N TYR A 472 -20.04 -3.58 16.39
CA TYR A 472 -21.37 -3.76 15.82
C TYR A 472 -21.56 -5.20 15.36
N ALA A 473 -20.51 -5.82 14.84
CA ALA A 473 -20.61 -7.22 14.44
C ALA A 473 -20.90 -8.11 15.63
N ALA A 474 -20.28 -7.82 16.78
CA ALA A 474 -20.40 -8.66 17.96
C ALA A 474 -21.52 -8.23 18.90
N CYS A 475 -22.28 -7.20 18.54
CA CYS A 475 -23.39 -6.73 19.37
C CYS A 475 -22.90 -6.32 20.77
N ILE A 476 -21.81 -5.56 20.80
CA ILE A 476 -21.25 -5.06 22.05
C ILE A 476 -20.83 -3.60 21.85
N GLY A 477 -20.71 -2.88 22.95
CA GLY A 477 -20.31 -1.49 22.90
C GLY A 477 -21.48 -0.52 22.93
N ALA A 478 -21.30 0.65 22.32
CA ALA A 478 -22.35 1.66 22.35
C ALA A 478 -23.52 1.30 21.44
N ASN A 479 -23.23 0.73 20.27
CA ASN A 479 -24.24 0.40 19.29
C ASN A 479 -24.55 -1.09 19.34
N LEU A 480 -25.82 -1.43 19.51
CA LEU A 480 -26.28 -2.81 19.58
C LEU A 480 -27.45 -3.03 18.62
N GLY A 481 -27.42 -2.38 17.46
CA GLY A 481 -28.50 -2.49 16.51
C GLY A 481 -28.54 -3.81 15.75
N HIS A 482 -27.42 -4.52 15.69
CA HIS A 482 -27.38 -5.78 14.95
C HIS A 482 -28.34 -6.80 15.54
N CYS A 483 -28.38 -6.90 16.87
CA CYS A 483 -29.25 -7.84 17.56
C CYS A 483 -30.60 -7.26 17.93
N ALA A 484 -30.87 -6.02 17.56
CA ALA A 484 -32.15 -5.40 17.90
C ALA A 484 -33.28 -6.13 17.20
N PRO A 485 -34.35 -6.51 17.91
CA PRO A 485 -35.50 -7.22 17.33
C PRO A 485 -36.16 -6.42 16.22
N LEU B 4 -0.24 21.46 16.76
CA LEU B 4 -1.46 21.86 16.06
C LEU B 4 -2.69 21.41 16.84
N VAL B 5 -3.15 20.19 16.59
CA VAL B 5 -4.24 19.59 17.35
C VAL B 5 -5.45 20.53 17.36
N PRO B 6 -6.20 20.65 16.26
CA PRO B 6 -7.37 21.53 16.25
C PRO B 6 -8.27 21.30 17.45
N GLU B 7 -9.04 22.32 17.83
CA GLU B 7 -9.83 22.25 19.06
C GLU B 7 -10.83 21.11 19.01
N LYS B 8 -11.62 21.04 17.94
CA LYS B 8 -12.70 20.05 17.86
C LYS B 8 -12.17 18.63 18.00
N GLU B 9 -10.90 18.41 17.65
CA GLU B 9 -10.32 17.08 17.69
C GLU B 9 -9.99 16.61 19.10
N LYS B 10 -10.14 17.46 20.11
CA LYS B 10 -9.84 17.08 21.48
C LYS B 10 -11.02 16.45 22.20
N ASP B 11 -12.15 16.25 21.53
CA ASP B 11 -13.34 15.65 22.14
C ASP B 11 -13.56 14.27 21.56
N PRO B 12 -13.61 13.22 22.38
CA PRO B 12 -13.88 11.87 21.85
C PRO B 12 -15.21 11.76 21.12
N LYS B 13 -16.21 12.56 21.52
CA LYS B 13 -17.52 12.47 20.89
C LYS B 13 -17.44 12.78 19.41
N TYR B 14 -16.58 13.71 19.02
CA TYR B 14 -16.41 14.04 17.60
C TYR B 14 -15.98 12.82 16.80
N TRP B 15 -14.91 12.14 17.25
CA TRP B 15 -14.42 10.96 16.54
C TRP B 15 -15.46 9.85 16.55
N ARG B 16 -16.13 9.64 17.69
CA ARG B 16 -17.12 8.58 17.77
C ARG B 16 -18.28 8.83 16.81
N ASP B 17 -18.74 10.09 16.72
CA ASP B 17 -19.82 10.41 15.80
C ASP B 17 -19.39 10.22 14.35
N GLN B 18 -18.16 10.62 14.02
CA GLN B 18 -17.67 10.40 12.66
C GLN B 18 -17.63 8.91 12.33
N ALA B 19 -17.12 8.10 13.26
CA ALA B 19 -17.06 6.66 13.03
C ALA B 19 -18.45 6.06 12.87
N GLN B 20 -19.40 6.51 13.68
CA GLN B 20 -20.77 6.00 13.57
C GLN B 20 -21.39 6.38 12.23
N GLU B 21 -21.14 7.59 11.74
CA GLU B 21 -21.64 7.99 10.44
C GLU B 21 -21.05 7.11 9.34
N THR B 22 -19.74 6.86 9.41
CA THR B 22 -19.10 5.99 8.43
C THR B 22 -19.68 4.58 8.49
N LEU B 23 -19.94 4.06 9.69
CA LEU B 23 -20.53 2.74 9.83
C LEU B 23 -21.93 2.71 9.23
N LYS B 24 -22.71 3.77 9.43
CA LYS B 24 -24.04 3.82 8.84
C LYS B 24 -23.97 3.81 7.32
N TYR B 25 -23.04 4.57 6.75
CA TYR B 25 -22.87 4.55 5.29
C TYR B 25 -22.48 3.15 4.81
N ALA B 26 -21.56 2.50 5.52
CA ALA B 26 -21.14 1.16 5.14
C ALA B 26 -22.31 0.18 5.18
N LEU B 27 -23.12 0.27 6.23
CA LEU B 27 -24.30 -0.58 6.32
C LEU B 27 -25.27 -0.32 5.18
N GLU B 28 -25.46 0.95 4.81
CA GLU B 28 -26.28 1.27 3.66
C GLU B 28 -25.73 0.66 2.38
N LEU B 29 -24.41 0.56 2.28
CA LEU B 29 -23.80 0.02 1.06
C LEU B 29 -24.06 -1.47 0.85
N GLN B 30 -24.85 -2.18 1.66
CA GLN B 30 -25.07 -3.61 1.45
C GLN B 30 -26.01 -3.90 0.30
N LYS B 31 -26.78 -2.92 -0.15
CA LYS B 31 -27.64 -3.09 -1.33
C LYS B 31 -26.77 -2.91 -2.56
N LEU B 32 -26.24 -4.02 -3.05
CA LEU B 32 -25.23 -3.99 -4.10
C LEU B 32 -25.83 -3.49 -5.42
N ASN B 33 -24.98 -2.87 -6.23
CA ASN B 33 -25.35 -2.40 -7.55
C ASN B 33 -25.10 -3.52 -8.55
N THR B 34 -26.17 -4.15 -9.02
CA THR B 34 -26.09 -5.27 -9.95
C THR B 34 -26.68 -4.92 -11.31
N ASN B 35 -26.42 -3.69 -11.78
CA ASN B 35 -26.91 -3.24 -13.07
C ASN B 35 -25.87 -3.49 -14.14
N VAL B 36 -26.25 -3.24 -15.39
CA VAL B 36 -25.35 -3.36 -16.53
C VAL B 36 -24.55 -2.08 -16.67
N ALA B 37 -23.23 -2.20 -16.82
CA ALA B 37 -22.36 -1.05 -16.94
C ALA B 37 -22.35 -0.59 -18.39
N LYS B 38 -23.18 0.40 -18.71
CA LYS B 38 -23.20 0.94 -20.07
C LYS B 38 -21.86 1.54 -20.44
N ASN B 39 -21.14 2.10 -19.47
CA ASN B 39 -19.88 2.78 -19.71
C ASN B 39 -18.81 2.24 -18.76
N VAL B 40 -17.57 2.26 -19.24
CA VAL B 40 -16.42 1.83 -18.44
C VAL B 40 -15.30 2.84 -18.63
N ILE B 41 -14.73 3.31 -17.52
CA ILE B 41 -13.64 4.27 -17.54
C ILE B 41 -12.51 3.75 -16.66
N MET B 42 -11.29 3.77 -17.17
CA MET B 42 -10.11 3.35 -16.43
C MET B 42 -9.17 4.54 -16.25
N PHE B 43 -8.78 4.79 -15.01
CA PHE B 43 -7.76 5.78 -14.69
C PHE B 43 -6.51 5.05 -14.23
N LEU B 44 -5.39 5.30 -14.90
CA LEU B 44 -4.12 4.66 -14.58
C LEU B 44 -3.09 5.72 -14.20
N GLY B 45 -2.49 5.55 -13.03
CA GLY B 45 -1.40 6.41 -12.61
C GLY B 45 -0.07 5.69 -12.70
N ASP B 46 0.75 6.07 -13.68
CA ASP B 46 2.03 5.41 -13.90
C ASP B 46 2.96 5.60 -12.72
N GLY B 47 3.20 4.55 -11.95
CA GLY B 47 4.06 4.63 -10.79
C GLY B 47 3.41 5.14 -9.53
N MET B 48 2.08 5.31 -9.52
CA MET B 48 1.37 5.85 -8.36
C MET B 48 1.26 4.77 -7.29
N GLY B 49 2.25 4.71 -6.41
CA GLY B 49 2.21 3.81 -5.29
C GLY B 49 1.37 4.33 -4.14
N VAL B 50 1.21 3.49 -3.12
CA VAL B 50 0.43 3.87 -1.96
C VAL B 50 1.05 5.07 -1.25
N SER B 51 2.37 5.05 -1.08
CA SER B 51 3.05 6.19 -0.47
C SER B 51 2.86 7.45 -1.31
N THR B 52 2.93 7.31 -2.63
CA THR B 52 2.67 8.44 -3.51
C THR B 52 1.24 8.96 -3.33
N VAL B 53 0.28 8.05 -3.17
CA VAL B 53 -1.11 8.47 -2.97
C VAL B 53 -1.25 9.25 -1.68
N THR B 54 -0.64 8.77 -0.59
CA THR B 54 -0.73 9.48 0.69
C THR B 54 -0.06 10.84 0.61
N ALA B 55 1.13 10.91 0.00
CA ALA B 55 1.80 12.20 -0.14
C ALA B 55 0.98 13.16 -0.99
N ALA B 56 0.36 12.66 -2.06
CA ALA B 56 -0.48 13.51 -2.89
C ALA B 56 -1.69 14.01 -2.11
N ARG B 57 -2.30 13.16 -1.29
CA ARG B 57 -3.42 13.61 -0.46
C ARG B 57 -2.98 14.72 0.48
N ILE B 58 -1.84 14.54 1.13
CA ILE B 58 -1.35 15.56 2.06
C ILE B 58 -1.08 16.86 1.32
N LEU B 59 -0.43 16.79 0.15
CA LEU B 59 -0.14 18.00 -0.61
C LEU B 59 -1.42 18.70 -1.05
N LYS B 60 -2.41 17.94 -1.53
CA LYS B 60 -3.66 18.54 -1.95
C LYS B 60 -4.36 19.22 -0.79
N GLY B 61 -4.35 18.58 0.38
CA GLY B 61 -4.92 19.23 1.55
C GLY B 61 -4.20 20.51 1.91
N GLN B 62 -2.86 20.49 1.85
CA GLN B 62 -2.09 21.68 2.21
C GLN B 62 -2.26 22.81 1.20
N LEU B 63 -2.56 22.48 -0.07
CA LEU B 63 -2.75 23.51 -1.07
C LEU B 63 -3.95 24.39 -0.77
N HIS B 64 -4.88 23.92 0.06
CA HIS B 64 -6.02 24.71 0.50
C HIS B 64 -5.80 25.31 1.88
N HIS B 65 -4.59 25.23 2.41
CA HIS B 65 -4.25 25.80 3.71
C HIS B 65 -4.91 25.02 4.85
N ASN B 66 -4.92 23.71 4.74
CA ASN B 66 -5.34 22.81 5.79
C ASN B 66 -4.15 22.00 6.29
N PRO B 67 -4.29 21.32 7.45
CA PRO B 67 -3.19 20.45 7.89
C PRO B 67 -2.83 19.39 6.86
N GLY B 68 -3.81 18.83 6.16
CA GLY B 68 -3.54 17.94 5.04
C GLY B 68 -3.90 16.49 5.26
N GLU B 69 -3.64 15.97 6.47
CA GLU B 69 -3.82 14.53 6.70
C GLU B 69 -5.29 14.13 6.67
N GLU B 70 -6.19 15.00 7.09
CA GLU B 70 -7.61 14.68 7.15
C GLU B 70 -8.33 14.93 5.84
N THR B 71 -7.64 15.40 4.81
CA THR B 71 -8.26 15.67 3.52
C THR B 71 -8.64 14.36 2.83
N ARG B 72 -9.69 14.43 2.02
CA ARG B 72 -10.16 13.29 1.24
C ARG B 72 -9.90 13.54 -0.24
N LEU B 73 -9.17 12.63 -0.88
CA LEU B 73 -9.00 12.70 -2.32
C LEU B 73 -10.28 12.26 -3.02
N GLU B 74 -10.38 12.57 -4.31
CA GLU B 74 -11.53 12.12 -5.09
C GLU B 74 -11.58 10.60 -5.14
N MET B 75 -10.46 9.96 -5.45
CA MET B 75 -10.43 8.50 -5.47
C MET B 75 -10.72 7.91 -4.09
N ASP B 76 -10.45 8.68 -3.03
CA ASP B 76 -10.76 8.21 -1.68
C ASP B 76 -12.26 8.04 -1.47
N LYS B 77 -13.09 8.69 -2.29
CA LYS B 77 -14.53 8.56 -2.18
C LYS B 77 -15.09 7.37 -2.95
N PHE B 78 -14.24 6.62 -3.63
CA PHE B 78 -14.70 5.43 -4.34
C PHE B 78 -15.10 4.37 -3.33
N PRO B 79 -16.30 3.78 -3.45
CA PRO B 79 -16.76 2.86 -2.41
C PRO B 79 -15.86 1.66 -2.15
N PHE B 80 -15.26 1.08 -3.18
CA PHE B 80 -14.60 -0.21 -3.02
C PHE B 80 -13.10 -0.11 -3.30
N VAL B 81 -12.33 -0.93 -2.60
CA VAL B 81 -10.88 -0.90 -2.68
C VAL B 81 -10.34 -2.33 -2.69
N ALA B 82 -9.26 -2.53 -3.43
CA ALA B 82 -8.62 -3.83 -3.53
C ALA B 82 -7.12 -3.64 -3.75
N LEU B 83 -6.38 -4.75 -3.68
CA LEU B 83 -4.94 -4.75 -3.88
C LEU B 83 -4.57 -5.64 -5.06
N SER B 84 -3.55 -5.25 -5.80
CA SER B 84 -3.11 -5.97 -7.00
C SER B 84 -1.60 -6.15 -6.99
N LYS B 85 -1.17 -7.34 -7.42
CA LYS B 85 0.24 -7.68 -7.58
C LYS B 85 0.66 -7.47 -9.03
N THR B 86 1.87 -6.96 -9.23
CA THR B 86 2.29 -6.43 -10.52
C THR B 86 3.62 -7.02 -10.96
N TYR B 87 3.77 -8.34 -10.93
CA TYR B 87 5.00 -8.96 -11.37
C TYR B 87 4.86 -9.47 -12.80
N ASN B 88 5.88 -9.22 -13.61
CA ASN B 88 5.94 -9.80 -14.94
C ASN B 88 6.36 -11.26 -14.86
N THR B 89 5.96 -12.03 -15.89
CA THR B 89 6.44 -13.41 -15.98
C THR B 89 7.95 -13.49 -16.14
N ASN B 90 8.59 -12.40 -16.54
CA ASN B 90 10.02 -12.36 -16.80
C ASN B 90 10.81 -11.66 -15.71
N ALA B 91 10.21 -10.72 -14.99
CA ALA B 91 10.93 -9.89 -14.03
C ALA B 91 10.21 -9.84 -12.70
N GLN B 92 10.99 -9.76 -11.63
CA GLN B 92 10.43 -9.59 -10.28
C GLN B 92 9.93 -8.16 -10.08
N VAL B 93 10.70 -7.17 -10.54
CA VAL B 93 10.28 -5.77 -10.54
C VAL B 93 9.77 -5.45 -11.93
N PRO B 94 8.50 -5.09 -12.09
CA PRO B 94 7.88 -5.07 -13.41
C PRO B 94 8.32 -3.86 -14.24
N ASP B 95 7.93 -3.91 -15.51
CA ASP B 95 8.11 -2.83 -16.47
C ASP B 95 6.76 -2.18 -16.76
N SER B 96 6.78 -1.17 -17.63
CA SER B 96 5.56 -0.48 -18.00
C SER B 96 4.80 -1.17 -19.13
N ALA B 97 5.40 -2.15 -19.80
CA ALA B 97 4.78 -2.82 -20.93
C ALA B 97 4.10 -4.13 -20.55
N GLY B 98 4.81 -5.01 -19.85
CA GLY B 98 4.19 -6.26 -19.42
C GLY B 98 3.00 -6.02 -18.51
N THR B 99 3.12 -5.07 -17.58
CA THR B 99 2.00 -4.73 -16.72
C THR B 99 0.83 -4.18 -17.53
N ALA B 100 1.12 -3.34 -18.52
CA ALA B 100 0.05 -2.82 -19.37
C ALA B 100 -0.67 -3.94 -20.10
N THR B 101 0.07 -4.91 -20.63
CA THR B 101 -0.56 -6.06 -21.24
C THR B 101 -1.41 -6.81 -20.22
N ALA B 102 -0.89 -7.00 -19.01
CA ALA B 102 -1.61 -7.75 -17.99
C ALA B 102 -2.95 -7.09 -17.66
N TYR B 103 -2.95 -5.77 -17.47
CA TYR B 103 -4.18 -5.10 -17.03
C TYR B 103 -5.03 -4.57 -18.16
N LEU B 104 -4.60 -4.74 -19.42
CA LEU B 104 -5.45 -4.34 -20.55
C LEU B 104 -5.98 -5.51 -21.37
N CYS B 105 -5.21 -6.60 -21.48
CA CYS B 105 -5.65 -7.76 -22.25
C CYS B 105 -6.00 -8.96 -21.39
N GLY B 106 -5.59 -8.98 -20.12
CA GLY B 106 -5.92 -10.08 -19.24
C GLY B 106 -4.93 -11.22 -19.23
N VAL B 107 -3.72 -11.02 -19.74
CA VAL B 107 -2.70 -12.05 -19.78
C VAL B 107 -1.36 -11.44 -19.36
N LYS B 108 -0.61 -12.18 -18.54
CA LYS B 108 0.71 -11.73 -18.14
C LYS B 108 1.74 -12.09 -19.19
N ALA B 109 2.68 -11.18 -19.44
CA ALA B 109 3.66 -11.34 -20.50
C ALA B 109 5.03 -10.92 -19.97
N ASN B 110 6.02 -10.94 -20.87
CA ASN B 110 7.37 -10.55 -20.52
C ASN B 110 7.51 -9.02 -20.57
N GLU B 111 8.54 -8.52 -19.90
CA GLU B 111 8.81 -7.09 -19.89
C GLU B 111 9.44 -6.67 -21.21
N GLY B 112 9.04 -5.50 -21.69
CA GLY B 112 9.53 -4.97 -22.95
C GLY B 112 8.71 -5.35 -24.16
N THR B 113 7.69 -6.19 -24.01
CA THR B 113 6.83 -6.60 -25.10
C THR B 113 5.41 -6.10 -24.86
N VAL B 114 4.71 -5.79 -25.94
CA VAL B 114 3.38 -5.20 -25.88
C VAL B 114 2.41 -6.07 -26.68
N GLY B 115 1.30 -6.44 -26.06
CA GLY B 115 0.23 -7.13 -26.76
C GLY B 115 0.54 -8.54 -27.20
N VAL B 116 1.52 -9.19 -26.59
CA VAL B 116 1.88 -10.56 -26.93
C VAL B 116 1.98 -11.38 -25.65
N SER B 117 1.76 -12.68 -25.79
CA SER B 117 1.85 -13.59 -24.65
C SER B 117 3.32 -13.81 -24.27
N ALA B 118 3.53 -14.64 -23.25
CA ALA B 118 4.88 -14.90 -22.75
C ALA B 118 5.73 -15.72 -23.71
N ALA B 119 5.13 -16.28 -24.76
CA ALA B 119 5.89 -17.07 -25.72
C ALA B 119 6.77 -16.22 -26.62
N THR B 120 6.62 -14.90 -26.58
CA THR B 120 7.41 -14.01 -27.41
C THR B 120 8.72 -13.64 -26.72
N GLU B 121 9.75 -13.43 -27.52
CA GLU B 121 11.06 -13.01 -27.03
C GLU B 121 11.34 -11.57 -27.46
N ARG B 122 11.84 -10.77 -26.54
CA ARG B 122 12.10 -9.37 -26.83
C ARG B 122 13.11 -9.24 -27.97
N SER B 123 12.80 -8.38 -28.94
CA SER B 123 13.68 -8.11 -30.08
C SER B 123 13.79 -9.30 -31.03
N ARG B 124 12.77 -10.14 -31.08
CA ARG B 124 12.75 -11.28 -31.99
C ARG B 124 11.43 -11.24 -32.76
N CYS B 125 11.49 -10.88 -34.03
CA CYS B 125 10.28 -10.64 -34.79
C CYS B 125 9.43 -11.90 -34.93
N ASN B 126 10.06 -13.05 -35.21
CA ASN B 126 9.29 -14.23 -35.57
C ASN B 126 8.14 -14.44 -34.58
N THR B 127 8.47 -14.49 -33.29
CA THR B 127 7.57 -14.94 -32.24
C THR B 127 6.37 -14.02 -32.04
N THR B 128 6.26 -12.93 -32.80
CA THR B 128 5.05 -12.12 -32.73
C THR B 128 3.87 -12.81 -33.38
N GLN B 129 4.10 -13.58 -34.44
CA GLN B 129 3.01 -14.25 -35.15
C GLN B 129 2.52 -15.45 -34.34
N GLY B 130 1.20 -15.52 -34.15
CA GLY B 130 0.59 -16.61 -33.42
C GLY B 130 0.51 -16.42 -31.92
N ASN B 131 1.09 -15.34 -31.38
CA ASN B 131 1.10 -15.05 -29.96
C ASN B 131 0.55 -13.66 -29.67
N GLU B 132 -0.52 -13.28 -30.38
CA GLU B 132 -1.14 -11.97 -30.22
C GLU B 132 -2.37 -12.08 -29.34
N VAL B 133 -2.55 -11.08 -28.48
CA VAL B 133 -3.67 -11.03 -27.55
C VAL B 133 -4.38 -9.68 -27.70
N THR B 134 -5.70 -9.71 -27.78
CA THR B 134 -6.50 -8.51 -27.93
C THR B 134 -6.74 -7.87 -26.56
N SER B 135 -7.14 -6.60 -26.59
CA SER B 135 -7.36 -5.81 -25.39
C SER B 135 -8.85 -5.56 -25.17
N ILE B 136 -9.17 -5.06 -23.98
CA ILE B 136 -10.55 -4.75 -23.64
C ILE B 136 -11.11 -3.67 -24.57
N LEU B 137 -10.25 -2.78 -25.06
CA LEU B 137 -10.71 -1.78 -26.03
C LEU B 137 -11.26 -2.44 -27.29
N ARG B 138 -10.56 -3.47 -27.79
CA ARG B 138 -11.04 -4.18 -28.96
C ARG B 138 -12.37 -4.88 -28.67
N TRP B 139 -12.50 -5.47 -27.49
CA TRP B 139 -13.75 -6.13 -27.13
C TRP B 139 -14.91 -5.13 -27.11
N ALA B 140 -14.68 -3.96 -26.49
CA ALA B 140 -15.71 -2.94 -26.46
C ALA B 140 -16.07 -2.45 -27.85
N LYS B 141 -15.07 -2.24 -28.70
CA LYS B 141 -15.34 -1.79 -30.06
C LYS B 141 -16.13 -2.83 -30.85
N ASP B 142 -15.77 -4.11 -30.70
CA ASP B 142 -16.52 -5.16 -31.38
C ASP B 142 -17.93 -5.27 -30.83
N ALA B 143 -18.14 -4.90 -29.56
CA ALA B 143 -19.49 -4.87 -29.01
C ALA B 143 -20.32 -3.73 -29.56
N GLY B 144 -19.72 -2.80 -30.29
CA GLY B 144 -20.43 -1.67 -30.84
C GLY B 144 -20.31 -0.38 -30.07
N LYS B 145 -19.44 -0.32 -29.06
CA LYS B 145 -19.30 0.86 -28.22
C LYS B 145 -18.35 1.87 -28.87
N SER B 146 -18.13 2.98 -28.18
CA SER B 146 -17.12 3.96 -28.56
C SER B 146 -15.93 3.84 -27.62
N VAL B 147 -14.73 4.08 -28.18
CA VAL B 147 -13.49 3.92 -27.44
C VAL B 147 -12.62 5.15 -27.64
N GLY B 148 -11.75 5.40 -26.67
CA GLY B 148 -10.85 6.53 -26.74
C GLY B 148 -9.68 6.37 -25.78
N ILE B 149 -8.60 7.09 -26.08
CA ILE B 149 -7.39 7.06 -25.27
C ILE B 149 -6.94 8.49 -25.02
N VAL B 150 -6.61 8.80 -23.76
CA VAL B 150 -6.12 10.11 -23.38
C VAL B 150 -4.93 9.91 -22.44
N THR B 151 -3.83 10.60 -22.71
CA THR B 151 -2.62 10.46 -21.91
C THR B 151 -1.78 11.71 -22.04
N THR B 152 -0.91 11.92 -21.06
CA THR B 152 0.02 13.04 -21.06
C THR B 152 1.38 12.68 -21.65
N THR B 153 1.61 11.41 -21.96
CA THR B 153 2.85 10.97 -22.58
C THR B 153 2.61 10.72 -24.08
N ARG B 154 3.62 10.16 -24.75
CA ARG B 154 3.46 9.82 -26.16
C ARG B 154 2.34 8.80 -26.33
N VAL B 155 1.57 8.95 -27.41
CA VAL B 155 0.49 8.01 -27.67
C VAL B 155 1.04 6.62 -27.94
N ASN B 156 2.20 6.53 -28.58
CA ASN B 156 2.84 5.26 -28.86
C ASN B 156 3.74 4.80 -27.71
N HIS B 157 3.50 5.30 -26.50
CA HIS B 157 4.21 4.82 -25.33
C HIS B 157 3.68 3.44 -24.93
N ALA B 158 4.35 2.83 -23.95
CA ALA B 158 4.02 1.45 -23.58
C ALA B 158 2.57 1.33 -23.13
N THR B 159 2.17 2.16 -22.17
CA THR B 159 0.83 2.03 -21.61
C THR B 159 -0.26 2.26 -22.65
N PRO B 160 -0.29 3.39 -23.37
CA PRO B 160 -1.31 3.55 -24.41
C PRO B 160 -1.21 2.52 -25.53
N SER B 161 0.00 2.09 -25.88
CA SER B 161 0.18 1.17 -27.00
C SER B 161 -0.21 -0.26 -26.65
N ALA B 162 -0.26 -0.62 -25.37
CA ALA B 162 -0.63 -1.97 -24.99
C ALA B 162 -2.10 -2.29 -25.28
N ALA B 163 -2.87 -1.34 -25.80
CA ALA B 163 -4.29 -1.54 -26.04
C ALA B 163 -4.63 -1.78 -27.51
N TYR B 164 -3.72 -1.47 -28.44
CA TYR B 164 -4.02 -1.60 -29.85
C TYR B 164 -2.91 -2.21 -30.68
N ALA B 165 -1.75 -2.53 -30.10
CA ALA B 165 -0.59 -2.95 -30.88
C ALA B 165 -0.06 -4.28 -30.35
N HIS B 166 0.66 -4.98 -31.22
CA HIS B 166 1.32 -6.24 -30.89
C HIS B 166 2.75 -6.16 -31.40
N SER B 167 3.70 -5.91 -30.49
CA SER B 167 5.08 -5.73 -30.87
C SER B 167 5.98 -6.50 -29.91
N ALA B 168 7.15 -6.91 -30.41
CA ALA B 168 8.10 -7.64 -29.59
C ALA B 168 8.99 -6.70 -28.78
N ASP B 169 9.20 -5.48 -29.24
CA ASP B 169 10.04 -4.52 -28.56
C ASP B 169 9.27 -3.22 -28.35
N ARG B 170 9.41 -2.63 -27.17
CA ARG B 170 8.75 -1.38 -26.84
C ARG B 170 9.48 -0.16 -27.38
N ASP B 171 10.74 -0.31 -27.79
CA ASP B 171 11.53 0.81 -28.29
C ASP B 171 11.20 1.18 -29.73
N TRP B 172 10.43 0.35 -30.43
CA TRP B 172 10.13 0.58 -31.84
C TRP B 172 8.94 1.52 -31.98
N TYR B 173 9.17 2.77 -31.59
CA TYR B 173 8.16 3.81 -31.76
C TYR B 173 7.85 4.01 -33.24
N SER B 174 8.88 4.05 -34.07
CA SER B 174 8.73 4.19 -35.52
C SER B 174 9.85 3.43 -36.20
N ASP B 175 9.79 3.39 -37.54
CA ASP B 175 10.78 2.64 -38.29
C ASP B 175 12.20 3.18 -38.12
N ASN B 176 12.34 4.42 -37.63
CA ASN B 176 13.65 4.98 -37.39
C ASN B 176 14.38 4.31 -36.22
N GLU B 177 13.67 3.55 -35.39
CA GLU B 177 14.27 2.89 -34.24
C GLU B 177 14.23 1.37 -34.36
N MET B 178 14.00 0.85 -35.57
CA MET B 178 13.92 -0.59 -35.77
C MET B 178 15.18 -1.10 -36.44
N PRO B 179 15.82 -2.15 -35.90
CA PRO B 179 17.00 -2.70 -36.56
C PRO B 179 16.64 -3.29 -37.91
N PRO B 180 17.59 -3.32 -38.85
CA PRO B 180 17.26 -3.80 -40.20
C PRO B 180 16.70 -5.21 -40.22
N GLU B 181 17.16 -6.09 -39.33
CA GLU B 181 16.65 -7.45 -39.32
C GLU B 181 15.15 -7.48 -39.03
N ALA B 182 14.70 -6.67 -38.07
CA ALA B 182 13.28 -6.64 -37.76
C ALA B 182 12.47 -6.11 -38.94
N LEU B 183 12.97 -5.08 -39.61
CA LEU B 183 12.26 -4.53 -40.77
C LEU B 183 12.16 -5.57 -41.89
N SER B 184 13.25 -6.29 -42.15
CA SER B 184 13.23 -7.29 -43.21
C SER B 184 12.26 -8.42 -42.89
N GLN B 185 12.19 -8.83 -41.61
CA GLN B 185 11.32 -9.93 -41.23
C GLN B 185 9.84 -9.58 -41.38
N GLY B 186 9.50 -8.30 -41.47
CA GLY B 186 8.12 -7.89 -41.69
C GLY B 186 7.41 -7.42 -40.43
N CYS B 187 8.07 -6.61 -39.62
CA CYS B 187 7.49 -6.07 -38.40
C CYS B 187 7.19 -4.59 -38.57
N LYS B 188 5.99 -4.20 -38.12
CA LYS B 188 5.55 -2.82 -38.18
C LYS B 188 5.72 -2.18 -36.80
N ASP B 189 6.10 -0.90 -36.80
CA ASP B 189 6.34 -0.19 -35.55
C ASP B 189 5.01 0.18 -34.88
N ILE B 190 5.12 0.62 -33.63
CA ILE B 190 3.92 0.92 -32.83
C ILE B 190 3.12 2.05 -33.47
N ALA B 191 3.80 3.11 -33.92
CA ALA B 191 3.09 4.24 -34.51
C ALA B 191 2.32 3.81 -35.74
N TYR B 192 2.91 2.97 -36.58
CA TYR B 192 2.20 2.45 -37.75
C TYR B 192 0.99 1.63 -37.32
N GLN B 193 1.16 0.79 -36.30
CA GLN B 193 0.06 -0.06 -35.84
C GLN B 193 -1.09 0.75 -35.24
N LEU B 194 -0.82 2.00 -34.82
CA LEU B 194 -1.87 2.80 -34.22
C LEU B 194 -2.97 3.13 -35.21
N MET B 195 -2.62 3.40 -36.46
CA MET B 195 -3.57 3.83 -37.48
C MET B 195 -4.04 2.69 -38.37
N HIS B 196 -3.62 1.46 -38.12
CA HIS B 196 -3.97 0.35 -39.00
C HIS B 196 -4.66 -0.80 -38.28
N ASN B 197 -4.25 -1.14 -37.06
CA ASN B 197 -4.84 -2.27 -36.37
C ASN B 197 -6.33 -2.04 -36.11
N ILE B 198 -6.68 -0.90 -35.52
CA ILE B 198 -8.06 -0.50 -35.30
C ILE B 198 -8.25 0.86 -35.97
N ARG B 199 -9.12 0.91 -36.96
CA ARG B 199 -9.28 2.08 -37.81
C ARG B 199 -10.48 2.93 -37.46
N ASP B 200 -11.16 2.65 -36.34
CA ASP B 200 -12.34 3.42 -35.94
C ASP B 200 -12.26 3.75 -34.45
N ILE B 201 -11.11 4.23 -34.00
CA ILE B 201 -10.97 4.76 -32.65
C ILE B 201 -11.45 6.20 -32.65
N ASP B 202 -12.44 6.50 -31.80
CA ASP B 202 -13.12 7.79 -31.88
C ASP B 202 -12.24 8.92 -31.36
N VAL B 203 -11.58 8.72 -30.22
CA VAL B 203 -10.84 9.79 -29.55
C VAL B 203 -9.42 9.32 -29.27
N ILE B 204 -8.44 10.10 -29.73
CA ILE B 204 -7.03 9.89 -29.40
C ILE B 204 -6.43 11.24 -29.06
N MET B 205 -5.78 11.34 -27.90
CA MET B 205 -5.17 12.59 -27.47
C MET B 205 -3.91 12.29 -26.67
N GLY B 206 -2.90 13.13 -26.84
CA GLY B 206 -1.63 12.96 -26.14
C GLY B 206 -0.51 13.62 -26.92
N GLY B 207 0.70 13.10 -26.72
CA GLY B 207 1.87 13.58 -27.40
C GLY B 207 2.37 12.62 -28.48
N GLY B 208 3.58 12.92 -28.97
CA GLY B 208 4.20 12.08 -29.97
C GLY B 208 3.89 12.51 -31.39
N ARG B 209 4.12 13.78 -31.69
CA ARG B 209 3.86 14.32 -33.03
C ARG B 209 5.01 14.10 -34.00
N LYS B 210 6.22 13.82 -33.50
CA LYS B 210 7.36 13.61 -34.38
C LYS B 210 7.36 12.24 -35.04
N TYR B 211 6.60 11.29 -34.51
CA TYR B 211 6.61 9.91 -34.99
C TYR B 211 5.57 9.65 -36.06
N MET B 212 4.85 10.68 -36.52
CA MET B 212 3.80 10.53 -37.51
C MET B 212 4.12 11.20 -38.83
N TYR B 213 5.32 11.77 -38.98
CA TYR B 213 5.61 12.53 -40.18
C TYR B 213 6.89 12.03 -40.84
N PRO B 214 7.04 12.26 -42.15
CA PRO B 214 8.27 11.83 -42.82
C PRO B 214 9.49 12.48 -42.18
N LYS B 215 10.60 11.74 -42.20
CA LYS B 215 11.81 12.25 -41.56
C LYS B 215 12.18 13.62 -42.09
N ASN B 216 12.72 14.45 -41.19
CA ASN B 216 13.40 15.69 -41.49
C ASN B 216 12.43 16.84 -41.73
N LYS B 217 11.13 16.62 -41.61
CA LYS B 217 10.16 17.70 -41.74
C LYS B 217 10.13 18.52 -40.46
N THR B 218 10.13 19.85 -40.61
CA THR B 218 10.10 20.73 -39.45
C THR B 218 8.75 20.66 -38.74
N ASP B 219 8.80 20.77 -37.41
CA ASP B 219 7.59 20.73 -36.62
C ASP B 219 6.77 22.02 -36.79
N VAL B 220 5.47 21.91 -36.52
CA VAL B 220 4.59 23.06 -36.66
C VAL B 220 4.65 24.01 -35.47
N GLU B 221 5.11 23.54 -34.31
CA GLU B 221 5.20 24.36 -33.12
C GLU B 221 6.60 24.92 -32.89
N TYR B 222 7.62 24.08 -33.02
CA TYR B 222 9.01 24.47 -32.83
C TYR B 222 9.73 24.34 -34.17
N GLU B 223 9.65 25.40 -34.98
CA GLU B 223 10.27 25.37 -36.30
C GLU B 223 11.78 25.27 -36.20
N SER B 224 12.38 26.01 -35.26
CA SER B 224 13.83 26.04 -35.12
C SER B 224 14.38 24.86 -34.32
N ASP B 225 13.51 24.04 -33.72
CA ASP B 225 13.96 22.90 -32.93
C ASP B 225 14.39 21.77 -33.87
N GLU B 226 15.67 21.42 -33.83
CA GLU B 226 16.20 20.36 -34.67
C GLU B 226 15.91 18.97 -34.11
N LYS B 227 15.53 18.89 -32.84
CA LYS B 227 15.25 17.61 -32.20
C LYS B 227 13.78 17.22 -32.27
N ALA B 228 12.93 18.08 -32.86
CA ALA B 228 11.50 17.82 -32.96
C ALA B 228 11.05 17.50 -34.37
N ARG B 229 11.98 17.14 -35.25
CA ARG B 229 11.65 16.85 -36.64
C ARG B 229 11.10 15.43 -36.78
N GLY B 230 10.53 15.16 -37.96
CA GLY B 230 9.98 13.85 -38.23
C GLY B 230 11.04 12.77 -38.28
N THR B 231 10.60 11.53 -38.06
CA THR B 231 11.50 10.40 -37.95
C THR B 231 11.18 9.24 -38.89
N ARG B 232 10.03 9.25 -39.55
CA ARG B 232 9.63 8.12 -40.38
C ARG B 232 10.55 8.01 -41.60
N LEU B 233 11.04 6.81 -41.87
CA LEU B 233 11.90 6.55 -43.01
C LEU B 233 11.15 6.07 -44.25
N ASP B 234 9.88 5.69 -44.10
CA ASP B 234 9.09 5.23 -45.24
C ASP B 234 8.29 6.35 -45.91
N GLY B 235 8.43 7.59 -45.43
CA GLY B 235 7.73 8.70 -46.04
C GLY B 235 6.25 8.76 -45.78
N LEU B 236 5.73 7.96 -44.86
CA LEU B 236 4.30 7.93 -44.59
C LEU B 236 3.90 9.12 -43.72
N ASP B 237 2.81 9.78 -44.10
CA ASP B 237 2.18 10.82 -43.30
C ASP B 237 1.01 10.17 -42.58
N LEU B 238 1.20 9.81 -41.31
CA LEU B 238 0.22 8.98 -40.61
C LEU B 238 -1.05 9.75 -40.24
N VAL B 239 -1.00 11.07 -40.14
CA VAL B 239 -2.21 11.83 -39.86
C VAL B 239 -3.17 11.76 -41.04
N ASP B 240 -2.64 11.92 -42.25
CA ASP B 240 -3.47 11.79 -43.45
C ASP B 240 -4.03 10.38 -43.57
N THR B 241 -3.21 9.38 -43.23
CA THR B 241 -3.70 7.99 -43.24
C THR B 241 -4.84 7.81 -42.24
N TRP B 242 -4.70 8.39 -41.04
CA TRP B 242 -5.78 8.31 -40.05
C TRP B 242 -7.05 8.96 -40.59
N LYS B 243 -6.92 10.12 -41.24
CA LYS B 243 -8.10 10.79 -41.77
C LYS B 243 -8.75 9.97 -42.88
N SER B 244 -7.94 9.34 -43.74
CA SER B 244 -8.47 8.65 -44.91
C SER B 244 -9.14 7.32 -44.58
N PHE B 245 -8.92 6.79 -43.38
CA PHE B 245 -9.49 5.50 -43.01
C PHE B 245 -10.92 5.60 -42.49
N LYS B 246 -11.48 6.80 -42.40
CA LYS B 246 -12.80 7.01 -41.82
C LYS B 246 -13.81 7.42 -42.88
N PRO B 247 -15.09 7.18 -42.64
CA PRO B 247 -16.11 7.50 -43.65
C PRO B 247 -16.11 8.99 -43.99
N ARG B 248 -16.47 9.30 -45.24
CA ARG B 248 -16.48 10.66 -45.73
C ARG B 248 -17.79 11.38 -45.43
N TYR B 249 -18.75 10.73 -44.78
CA TYR B 249 -19.96 11.41 -44.33
C TYR B 249 -19.96 11.63 -42.82
N LYS B 250 -18.80 11.49 -42.18
CA LYS B 250 -18.62 11.77 -40.76
C LYS B 250 -17.74 13.00 -40.60
N HIS B 251 -17.49 13.39 -39.35
CA HIS B 251 -16.70 14.56 -39.03
C HIS B 251 -15.44 14.13 -38.28
N SER B 252 -14.28 14.53 -38.81
CA SER B 252 -12.99 14.21 -38.21
C SER B 252 -12.18 15.48 -38.05
N HIS B 253 -11.50 15.60 -36.90
CA HIS B 253 -10.73 16.79 -36.56
C HIS B 253 -9.35 16.39 -36.08
N PHE B 254 -8.34 17.16 -36.47
CA PHE B 254 -6.99 17.06 -35.93
C PHE B 254 -6.61 18.38 -35.29
N ILE B 255 -6.15 18.34 -34.04
CA ILE B 255 -5.77 19.54 -33.31
C ILE B 255 -4.42 19.30 -32.63
N TRP B 256 -3.70 20.40 -32.37
CA TRP B 256 -2.38 20.31 -31.76
C TRP B 256 -2.15 21.39 -30.71
N ASN B 257 -3.18 22.13 -30.31
CA ASN B 257 -3.00 23.29 -29.45
C ASN B 257 -4.32 23.65 -28.76
N ARG B 258 -4.19 24.31 -27.61
CA ARG B 258 -5.30 24.43 -26.67
C ARG B 258 -6.44 25.28 -27.22
N THR B 259 -6.14 26.31 -28.01
CA THR B 259 -7.18 27.22 -28.47
C THR B 259 -8.24 26.49 -29.28
N GLU B 260 -7.81 25.63 -30.21
CA GLU B 260 -8.76 24.89 -31.04
C GLU B 260 -9.40 23.72 -30.31
N LEU B 261 -8.78 23.25 -29.22
CA LEU B 261 -9.39 22.17 -28.45
C LEU B 261 -10.70 22.63 -27.80
N LEU B 262 -10.72 23.86 -27.29
CA LEU B 262 -11.89 24.38 -26.59
C LEU B 262 -12.91 25.00 -27.51
N THR B 263 -12.61 25.15 -28.81
CA THR B 263 -13.55 25.72 -29.76
C THR B 263 -14.41 24.66 -30.44
N LEU B 264 -14.13 23.39 -30.23
CA LEU B 264 -14.91 22.33 -30.87
C LEU B 264 -16.29 22.21 -30.22
N ASP B 265 -17.23 21.68 -31.00
CA ASP B 265 -18.55 21.35 -30.50
C ASP B 265 -18.68 19.84 -30.40
N PRO B 266 -18.61 19.26 -29.20
CA PRO B 266 -18.62 17.79 -29.10
C PRO B 266 -19.89 17.15 -29.65
N HIS B 267 -20.99 17.90 -29.74
CA HIS B 267 -22.21 17.36 -30.30
C HIS B 267 -22.13 17.16 -31.80
N ASN B 268 -21.09 17.65 -32.45
CA ASN B 268 -20.91 17.51 -33.89
C ASN B 268 -19.74 16.61 -34.26
N VAL B 269 -18.65 16.66 -33.50
CA VAL B 269 -17.47 15.88 -33.84
C VAL B 269 -17.75 14.39 -33.68
N ASP B 270 -17.19 13.58 -34.57
CA ASP B 270 -17.29 12.13 -34.50
C ASP B 270 -15.96 11.46 -34.21
N TYR B 271 -14.89 11.86 -34.89
CA TYR B 271 -13.56 11.33 -34.67
C TYR B 271 -12.60 12.49 -34.42
N LEU B 272 -11.83 12.39 -33.34
CA LEU B 272 -10.93 13.47 -32.93
C LEU B 272 -9.54 12.89 -32.67
N LEU B 273 -8.53 13.54 -33.24
CA LEU B 273 -7.13 13.19 -33.00
C LEU B 273 -6.38 14.43 -32.57
N GLY B 274 -5.72 14.36 -31.42
CA GLY B 274 -4.99 15.49 -30.89
C GLY B 274 -3.60 15.16 -30.39
N LEU B 275 -2.58 15.76 -30.98
CA LEU B 275 -1.20 15.59 -30.56
C LEU B 275 -0.62 16.97 -30.28
N PHE B 276 -0.26 17.21 -29.01
CA PHE B 276 0.06 18.56 -28.56
C PHE B 276 1.55 18.82 -28.40
N GLU B 277 2.37 17.78 -28.25
CA GLU B 277 3.80 17.98 -28.08
C GLU B 277 4.56 17.01 -28.97
N PRO B 278 5.76 17.41 -29.45
CA PRO B 278 6.55 16.50 -30.28
C PRO B 278 6.84 15.17 -29.61
N GLY B 279 7.15 15.20 -28.31
CA GLY B 279 7.38 13.99 -27.56
C GLY B 279 6.42 13.82 -26.40
N ASP B 280 6.93 13.88 -25.18
CA ASP B 280 6.10 13.82 -23.99
C ASP B 280 5.63 15.22 -23.61
N MET B 281 4.42 15.29 -23.07
CA MET B 281 3.87 16.58 -22.66
C MET B 281 4.58 17.09 -21.41
N GLN B 282 4.57 18.40 -21.23
CA GLN B 282 5.32 19.03 -20.15
C GLN B 282 4.71 18.71 -18.80
N TYR B 283 5.52 18.91 -17.75
CA TYR B 283 5.03 18.78 -16.39
C TYR B 283 3.92 19.80 -16.13
N GLU B 284 3.07 19.48 -15.15
CA GLU B 284 1.98 20.40 -14.80
C GLU B 284 2.53 21.74 -14.31
N LEU B 285 3.64 21.71 -13.56
CA LEU B 285 4.24 22.93 -13.07
C LEU B 285 4.95 23.73 -14.15
N ASN B 286 5.39 23.07 -15.22
CA ASN B 286 6.06 23.74 -16.34
C ASN B 286 5.14 23.95 -17.53
N ARG B 287 3.86 23.65 -17.38
CA ARG B 287 2.94 23.76 -18.51
C ARG B 287 2.70 25.21 -18.91
N ASN B 288 2.54 25.41 -20.20
CA ASN B 288 2.22 26.72 -20.78
C ASN B 288 0.72 26.76 -21.02
N ASN B 289 -0.01 27.45 -20.15
CA ASN B 289 -1.45 27.29 -20.21
C ASN B 289 -2.06 27.98 -21.43
N VAL B 290 -1.24 28.58 -22.29
CA VAL B 290 -1.74 29.29 -23.45
C VAL B 290 -1.83 28.38 -24.66
N THR B 291 -0.85 27.49 -24.83
CA THR B 291 -0.79 26.61 -26.00
C THR B 291 -1.15 25.17 -25.68
N ASP B 292 -1.04 24.74 -24.43
CA ASP B 292 -1.26 23.34 -24.09
C ASP B 292 -2.43 23.19 -23.12
N PRO B 293 -3.18 22.10 -23.23
CA PRO B 293 -4.29 21.85 -22.30
C PRO B 293 -3.83 21.00 -21.11
N SER B 294 -4.69 20.97 -20.10
CA SER B 294 -4.50 20.13 -18.93
C SER B 294 -5.26 18.82 -19.09
N LEU B 295 -4.97 17.87 -18.21
CA LEU B 295 -5.60 16.56 -18.28
C LEU B 295 -7.12 16.66 -18.12
N SER B 296 -7.57 17.53 -17.21
CA SER B 296 -9.00 17.63 -16.94
C SER B 296 -9.77 18.09 -18.17
N GLU B 297 -9.25 19.08 -18.88
CA GLU B 297 -9.93 19.58 -20.08
C GLU B 297 -10.05 18.49 -21.14
N MET B 298 -8.95 17.77 -21.37
CA MET B 298 -8.98 16.67 -22.35
C MET B 298 -9.99 15.60 -21.93
N VAL B 299 -10.02 15.26 -20.64
CA VAL B 299 -10.96 14.24 -20.17
C VAL B 299 -12.38 14.71 -20.38
N VAL B 300 -12.67 15.97 -20.07
CA VAL B 300 -14.03 16.49 -20.23
C VAL B 300 -14.45 16.45 -21.69
N VAL B 301 -13.57 16.90 -22.58
CA VAL B 301 -13.91 16.90 -24.01
C VAL B 301 -14.12 15.47 -24.51
N ALA B 302 -13.25 14.55 -24.10
CA ALA B 302 -13.37 13.17 -24.54
C ALA B 302 -14.69 12.56 -24.08
N ILE B 303 -15.06 12.79 -22.81
CA ILE B 303 -16.31 12.25 -22.30
C ILE B 303 -17.49 12.86 -23.04
N GLN B 304 -17.44 14.17 -23.29
CA GLN B 304 -18.52 14.82 -24.02
C GLN B 304 -18.70 14.20 -25.40
N ILE B 305 -17.60 13.92 -26.09
CA ILE B 305 -17.69 13.33 -27.41
C ILE B 305 -18.19 11.89 -27.34
N LEU B 306 -17.71 11.13 -26.36
CA LEU B 306 -17.99 9.69 -26.31
C LEU B 306 -19.41 9.39 -25.84
N ARG B 307 -19.99 10.21 -24.97
CA ARG B 307 -21.27 9.85 -24.38
C ARG B 307 -22.42 9.84 -25.37
N LYS B 308 -22.18 10.12 -26.66
CA LYS B 308 -23.28 10.21 -27.62
C LYS B 308 -23.80 8.84 -28.04
N ASN B 309 -22.91 7.86 -28.18
CA ASN B 309 -23.32 6.57 -28.73
C ASN B 309 -24.31 5.90 -27.77
N PRO B 310 -25.47 5.45 -28.28
CA PRO B 310 -26.50 4.89 -27.38
C PRO B 310 -26.11 3.58 -26.71
N LYS B 311 -24.96 2.99 -27.04
CA LYS B 311 -24.56 1.71 -26.49
C LYS B 311 -23.41 1.84 -25.49
N GLY B 312 -23.13 3.04 -25.01
CA GLY B 312 -22.07 3.23 -24.03
C GLY B 312 -20.74 3.55 -24.67
N PHE B 313 -19.69 3.42 -23.87
CA PHE B 313 -18.34 3.69 -24.34
C PHE B 313 -17.34 3.16 -23.33
N PHE B 314 -16.09 3.03 -23.78
CA PHE B 314 -14.96 2.70 -22.93
C PHE B 314 -13.89 3.77 -23.11
N LEU B 315 -13.33 4.25 -22.01
CA LEU B 315 -12.32 5.30 -22.04
C LEU B 315 -11.16 4.92 -21.14
N LEU B 316 -9.94 5.22 -21.60
CA LEU B 316 -8.73 4.98 -20.84
C LEU B 316 -7.99 6.30 -20.68
N VAL B 317 -7.65 6.63 -19.43
CA VAL B 317 -6.94 7.87 -19.10
C VAL B 317 -5.69 7.51 -18.32
N GLU B 318 -4.55 8.08 -18.71
CA GLU B 318 -3.27 7.79 -18.08
C GLU B 318 -2.60 9.09 -17.66
N GLY B 319 -2.25 9.19 -16.38
CA GLY B 319 -1.33 10.22 -15.93
C GLY B 319 0.08 9.64 -15.91
N GLY B 320 0.84 9.89 -16.98
CA GLY B 320 2.07 9.18 -17.19
C GLY B 320 3.34 9.85 -16.71
N ARG B 321 3.28 11.15 -16.39
CA ARG B 321 4.50 11.86 -16.02
C ARG B 321 4.85 11.71 -14.54
N ILE B 322 4.00 11.05 -13.75
CA ILE B 322 4.40 10.70 -12.39
C ILE B 322 5.62 9.80 -12.42
N ASP B 323 5.61 8.82 -13.34
CA ASP B 323 6.75 7.92 -13.49
C ASP B 323 8.02 8.70 -13.81
N HIS B 324 7.94 9.62 -14.77
CA HIS B 324 9.12 10.39 -15.13
C HIS B 324 9.60 11.28 -13.99
N GLY B 325 8.66 11.92 -13.28
CA GLY B 325 9.04 12.73 -12.15
C GLY B 325 9.76 11.94 -11.07
N HIS B 326 9.25 10.74 -10.75
CA HIS B 326 9.94 9.89 -9.80
C HIS B 326 11.30 9.45 -10.33
N HIS B 327 11.38 9.13 -11.62
CA HIS B 327 12.65 8.69 -12.20
C HIS B 327 13.71 9.77 -12.08
N GLU B 328 13.34 11.02 -12.32
CA GLU B 328 14.29 12.12 -12.19
C GLU B 328 14.65 12.39 -10.73
N GLY B 329 13.88 11.86 -9.78
CA GLY B 329 14.11 12.15 -8.38
C GLY B 329 13.52 13.44 -7.91
N LYS B 330 12.49 13.95 -8.59
CA LYS B 330 11.84 15.22 -8.24
C LYS B 330 10.44 14.89 -7.72
N ALA B 331 10.30 14.82 -6.40
CA ALA B 331 9.03 14.43 -5.80
C ALA B 331 7.94 15.48 -6.03
N LYS B 332 8.32 16.76 -6.10
CA LYS B 332 7.33 17.82 -6.28
C LYS B 332 6.53 17.62 -7.56
N GLN B 333 7.24 17.36 -8.67
CA GLN B 333 6.57 17.20 -9.95
C GLN B 333 5.63 16.00 -9.94
N ALA B 334 6.08 14.88 -9.38
CA ALA B 334 5.24 13.69 -9.33
C ALA B 334 3.99 13.92 -8.50
N LEU B 335 4.15 14.57 -7.33
CA LEU B 335 2.99 14.84 -6.49
C LEU B 335 2.01 15.78 -7.18
N HIS B 336 2.51 16.80 -7.88
CA HIS B 336 1.62 17.69 -8.60
C HIS B 336 0.90 16.96 -9.73
N GLU B 337 1.60 16.05 -10.42
CA GLU B 337 0.94 15.24 -11.45
C GLU B 337 -0.17 14.39 -10.86
N ALA B 338 0.08 13.79 -9.69
CA ALA B 338 -0.95 12.99 -9.05
C ALA B 338 -2.16 13.85 -8.67
N VAL B 339 -1.91 15.06 -8.16
CA VAL B 339 -3.01 15.95 -7.82
C VAL B 339 -3.82 16.30 -9.06
N GLU B 340 -3.14 16.57 -10.18
CA GLU B 340 -3.85 16.88 -11.42
C GLU B 340 -4.70 15.69 -11.87
N MET B 341 -4.17 14.48 -11.76
CA MET B 341 -4.95 13.31 -12.12
C MET B 341 -6.17 13.16 -11.23
N ASP B 342 -6.03 13.45 -9.93
CA ASP B 342 -7.18 13.39 -9.04
C ASP B 342 -8.24 14.42 -9.44
N ARG B 343 -7.80 15.62 -9.83
CA ARG B 343 -8.76 16.62 -10.31
C ARG B 343 -9.49 16.12 -11.56
N ALA B 344 -8.77 15.50 -12.48
CA ALA B 344 -9.41 14.94 -13.66
C ALA B 344 -10.42 13.85 -13.27
N ILE B 345 -10.07 13.03 -12.29
CA ILE B 345 -11.00 12.01 -11.81
C ILE B 345 -12.27 12.66 -11.28
N GLY B 346 -12.12 13.73 -10.50
CA GLY B 346 -13.29 14.43 -10.00
C GLY B 346 -14.16 14.98 -11.11
N GLN B 347 -13.55 15.57 -12.13
CA GLN B 347 -14.32 16.08 -13.25
C GLN B 347 -15.08 14.95 -13.95
N ALA B 348 -14.39 13.83 -14.21
CA ALA B 348 -15.04 12.70 -14.86
C ALA B 348 -16.21 12.19 -14.04
N GLY B 349 -16.02 12.06 -12.72
CA GLY B 349 -17.12 11.65 -11.86
C GLY B 349 -18.28 12.62 -11.92
N SER B 350 -17.99 13.92 -12.02
CA SER B 350 -19.06 14.90 -12.14
C SER B 350 -19.82 14.75 -13.46
N LEU B 351 -19.14 14.34 -14.53
CA LEU B 351 -19.78 14.31 -15.84
C LEU B 351 -20.63 13.07 -16.09
N THR B 352 -20.52 12.03 -15.26
CA THR B 352 -21.25 10.78 -15.49
C THR B 352 -22.10 10.42 -14.28
N SER B 353 -22.75 9.26 -14.37
CA SER B 353 -23.63 8.76 -13.31
C SER B 353 -23.18 7.35 -12.93
N SER B 354 -23.28 7.04 -11.63
CA SER B 354 -22.82 5.78 -11.09
C SER B 354 -23.86 4.67 -11.17
N GLU B 355 -25.08 4.96 -11.59
CA GLU B 355 -26.10 3.93 -11.72
C GLU B 355 -25.90 3.08 -12.96
N ASP B 356 -25.13 3.55 -13.94
CA ASP B 356 -24.87 2.78 -15.15
C ASP B 356 -23.44 2.87 -15.62
N THR B 357 -22.53 3.42 -14.82
CA THR B 357 -21.13 3.58 -15.20
C THR B 357 -20.24 2.96 -14.14
N LEU B 358 -19.27 2.16 -14.56
CA LEU B 358 -18.31 1.53 -13.68
C LEU B 358 -16.95 2.18 -13.88
N THR B 359 -16.36 2.69 -12.80
CA THR B 359 -15.11 3.43 -12.85
C THR B 359 -14.08 2.75 -11.97
N VAL B 360 -12.88 2.58 -12.52
CA VAL B 360 -11.75 1.93 -11.83
C VAL B 360 -10.53 2.82 -11.95
N VAL B 361 -9.83 3.01 -10.83
CA VAL B 361 -8.59 3.77 -10.78
C VAL B 361 -7.52 2.88 -10.18
N THR B 362 -6.35 2.83 -10.81
CA THR B 362 -5.29 1.95 -10.34
C THR B 362 -3.96 2.44 -10.92
N ALA B 363 -2.90 1.70 -10.60
CA ALA B 363 -1.56 1.98 -11.08
C ALA B 363 -0.93 0.71 -11.63
N ASP B 364 0.12 0.88 -12.43
CA ASP B 364 0.81 -0.26 -13.02
C ASP B 364 1.90 -0.84 -12.13
N HIS B 365 2.59 0.01 -11.37
CA HIS B 365 3.64 -0.44 -10.48
C HIS B 365 3.92 0.66 -9.47
N SER B 366 5.01 0.51 -8.71
CA SER B 366 5.36 1.48 -7.68
C SER B 366 6.78 2.00 -7.86
N HIS B 367 7.29 2.74 -6.88
CA HIS B 367 8.63 3.31 -6.94
C HIS B 367 9.29 3.10 -5.57
N VAL B 368 10.45 3.72 -5.37
CA VAL B 368 11.17 3.59 -4.10
C VAL B 368 11.15 4.92 -3.36
N PHE B 369 10.11 5.71 -3.59
CA PHE B 369 9.91 6.96 -2.88
C PHE B 369 9.44 6.71 -1.46
N THR B 370 10.05 7.39 -0.49
CA THR B 370 9.67 7.23 0.92
C THR B 370 9.60 8.61 1.57
N PHE B 371 8.82 8.69 2.65
CA PHE B 371 8.73 9.92 3.41
C PHE B 371 8.42 9.59 4.87
N GLY B 372 9.14 10.23 5.78
CA GLY B 372 8.96 10.03 7.21
C GLY B 372 9.70 11.06 8.04
N GLY B 373 10.30 10.62 9.14
CA GLY B 373 11.09 11.49 9.97
C GLY B 373 10.42 12.04 11.21
N TYR B 374 9.25 11.51 11.59
CA TYR B 374 8.52 11.97 12.77
C TYR B 374 8.20 13.46 12.67
N THR B 375 7.43 13.81 11.62
CA THR B 375 7.14 15.22 11.45
C THR B 375 5.90 15.62 12.24
N PRO B 376 5.83 16.88 12.67
CA PRO B 376 4.63 17.35 13.37
C PRO B 376 3.45 17.49 12.43
N ARG B 377 2.26 17.48 13.02
CA ARG B 377 1.03 17.62 12.23
C ARG B 377 1.05 18.93 11.46
N GLY B 378 0.70 18.86 10.18
CA GLY B 378 0.68 20.03 9.33
C GLY B 378 2.01 20.43 8.75
N ASN B 379 3.07 19.68 9.02
CA ASN B 379 4.39 20.01 8.46
C ASN B 379 4.36 19.92 6.94
N SER B 380 5.04 20.86 6.29
CA SER B 380 5.08 20.87 4.83
C SER B 380 5.63 19.55 4.30
N ILE B 381 4.97 19.01 3.28
CA ILE B 381 5.41 17.74 2.70
C ILE B 381 6.81 17.85 2.15
N PHE B 382 7.22 19.05 1.73
CA PHE B 382 8.56 19.29 1.21
C PHE B 382 9.49 19.90 2.25
N GLY B 383 9.14 19.81 3.53
CA GLY B 383 9.90 20.42 4.60
C GLY B 383 10.98 19.52 5.15
N LEU B 384 11.56 19.96 6.26
CA LEU B 384 12.64 19.25 6.93
C LEU B 384 12.10 18.39 8.07
N ALA B 385 12.96 17.53 8.60
CA ALA B 385 12.60 16.78 9.79
C ALA B 385 12.82 17.64 11.03
N PRO B 386 12.07 17.39 12.11
CA PRO B 386 12.19 18.24 13.29
C PRO B 386 13.58 18.26 13.90
N MET B 387 14.30 17.15 13.85
CA MET B 387 15.58 17.01 14.53
C MET B 387 16.73 16.92 13.54
N LEU B 388 17.94 17.00 14.08
CA LEU B 388 19.16 16.80 13.31
C LEU B 388 19.54 15.32 13.32
N SER B 389 20.48 14.97 12.44
CA SER B 389 21.01 13.62 12.43
C SER B 389 21.95 13.43 13.61
N ASP B 390 21.71 12.39 14.40
CA ASP B 390 22.52 12.13 15.59
C ASP B 390 23.86 11.46 15.26
N THR B 391 24.24 11.42 13.99
CA THR B 391 25.51 10.84 13.58
C THR B 391 26.45 11.85 12.95
N ASP B 392 25.94 12.75 12.11
CA ASP B 392 26.75 13.79 11.51
C ASP B 392 26.33 15.20 11.92
N LYS B 393 25.24 15.34 12.66
CA LYS B 393 24.80 16.64 13.19
C LYS B 393 24.39 17.59 12.07
N LYS B 394 23.71 17.07 11.06
CA LYS B 394 23.24 17.84 9.92
C LYS B 394 21.77 17.53 9.66
N PRO B 395 21.07 18.50 9.04
CA PRO B 395 19.64 18.30 8.82
C PRO B 395 19.31 17.37 7.70
N PHE B 396 18.03 17.16 7.45
CA PHE B 396 17.60 16.28 6.37
C PHE B 396 16.12 16.47 6.12
N THR B 397 15.67 16.08 4.95
CA THR B 397 14.27 16.25 4.60
C THR B 397 13.46 15.00 4.94
N ALA B 398 12.14 15.15 4.96
CA ALA B 398 11.25 14.04 5.24
C ALA B 398 11.07 13.10 4.05
N ILE B 399 11.40 13.56 2.84
CA ILE B 399 11.25 12.77 1.63
C ILE B 399 12.62 12.27 1.20
N LEU B 400 12.70 10.99 0.84
CA LEU B 400 13.96 10.38 0.44
C LEU B 400 13.69 9.31 -0.61
N TYR B 401 14.76 8.89 -1.27
CA TYR B 401 14.70 7.88 -2.32
C TYR B 401 15.70 6.77 -2.00
N GLY B 402 15.32 5.53 -2.33
CA GLY B 402 16.25 4.43 -2.17
C GLY B 402 17.48 4.57 -3.03
N ASN B 403 17.28 4.93 -4.30
CA ASN B 403 18.36 5.18 -5.24
C ASN B 403 17.94 6.28 -6.20
N GLY B 404 18.89 6.79 -6.96
CA GLY B 404 18.62 7.79 -7.95
C GLY B 404 19.66 8.89 -8.02
N PRO B 405 19.39 9.92 -8.83
CA PRO B 405 20.37 11.00 -9.01
C PRO B 405 20.51 11.92 -7.81
N GLY B 406 19.69 11.75 -6.76
CA GLY B 406 19.77 12.63 -5.62
C GLY B 406 20.99 12.43 -4.74
N TYR B 407 21.74 11.35 -4.96
CA TYR B 407 22.95 11.12 -4.21
C TYR B 407 23.92 12.28 -4.40
N LYS B 408 24.48 12.77 -3.29
CA LYS B 408 25.41 13.90 -3.34
C LYS B 408 26.29 13.85 -2.11
N VAL B 409 27.56 13.49 -2.30
CA VAL B 409 28.55 13.41 -1.23
C VAL B 409 29.80 14.13 -1.74
N VAL B 410 29.99 15.38 -1.31
CA VAL B 410 31.10 16.20 -1.78
C VAL B 410 32.28 15.95 -0.84
N GLY B 411 33.13 14.99 -1.22
CA GLY B 411 34.33 14.71 -0.47
C GLY B 411 34.09 14.07 0.88
N GLY B 412 33.50 12.87 0.89
CA GLY B 412 33.29 12.12 2.10
C GLY B 412 32.17 12.60 2.99
N GLU B 413 31.72 13.84 2.82
CA GLU B 413 30.67 14.42 3.64
C GLU B 413 29.42 14.65 2.81
N ARG B 414 28.26 14.31 3.38
CA ARG B 414 27.01 14.52 2.66
C ARG B 414 26.72 16.00 2.58
N GLU B 415 25.61 16.35 1.96
CA GLU B 415 25.29 17.74 1.76
C GLU B 415 24.67 18.39 2.99
N ASN B 416 24.77 19.70 3.07
CA ASN B 416 24.17 20.44 4.16
C ASN B 416 22.99 21.17 3.57
N VAL B 417 21.83 20.53 3.56
CA VAL B 417 20.65 21.12 2.92
C VAL B 417 20.21 22.46 3.47
N SER B 418 20.72 22.85 4.63
CA SER B 418 20.38 24.13 5.18
C SER B 418 20.83 25.20 4.24
N MET B 419 21.86 24.91 3.46
CA MET B 419 22.41 25.90 2.55
C MET B 419 21.86 25.77 1.13
N VAL B 420 20.71 25.12 0.98
CA VAL B 420 20.13 24.92 -0.33
C VAL B 420 18.64 25.15 -0.29
N ASP B 421 18.03 25.38 -1.44
CA ASP B 421 16.58 25.51 -1.48
C ASP B 421 15.97 24.12 -1.68
N TYR B 422 15.48 23.52 -0.60
CA TYR B 422 14.91 22.18 -0.66
C TYR B 422 13.45 22.16 -1.03
N ALA B 423 12.83 23.33 -1.16
CA ALA B 423 11.45 23.42 -1.61
C ALA B 423 11.34 23.79 -3.09
N HIS B 424 12.47 23.79 -3.81
CA HIS B 424 12.46 24.16 -5.21
C HIS B 424 11.74 23.10 -6.05
N ASN B 425 11.23 23.54 -7.20
CA ASN B 425 10.49 22.62 -8.07
C ASN B 425 11.36 21.47 -8.55
N ASN B 426 12.60 21.75 -8.92
CA ASN B 426 13.50 20.75 -9.47
C ASN B 426 14.54 20.28 -8.46
N TYR B 427 14.13 20.16 -7.21
CA TYR B 427 15.05 19.68 -6.18
C TYR B 427 15.06 18.16 -6.15
N GLN B 428 16.23 17.57 -5.96
CA GLN B 428 16.37 16.12 -5.94
C GLN B 428 16.69 15.68 -4.51
N ALA B 429 15.77 14.96 -3.89
CA ALA B 429 15.99 14.45 -2.54
C ALA B 429 17.12 13.44 -2.53
N GLN B 430 17.86 13.44 -1.43
CA GLN B 430 19.00 12.54 -1.32
C GLN B 430 18.60 11.07 -1.41
N SER B 431 19.51 10.25 -1.89
CA SER B 431 19.26 8.82 -2.04
C SER B 431 20.45 8.05 -1.49
N ALA B 432 20.33 6.72 -1.49
CA ALA B 432 21.35 5.85 -0.91
C ALA B 432 22.48 5.54 -1.88
N VAL B 433 22.16 5.12 -3.08
CA VAL B 433 23.17 4.74 -4.08
C VAL B 433 22.99 5.61 -5.32
N PRO B 434 24.08 6.13 -5.90
CA PRO B 434 23.93 7.06 -7.03
C PRO B 434 23.63 6.32 -8.33
N LEU B 435 22.54 6.71 -8.98
CA LEU B 435 22.17 6.18 -10.28
C LEU B 435 21.72 7.33 -11.18
N ARG B 436 21.85 7.13 -12.48
CA ARG B 436 21.35 8.14 -13.42
C ARG B 436 19.85 8.31 -13.29
N HIS B 437 19.13 7.21 -13.13
CA HIS B 437 17.69 7.23 -12.87
C HIS B 437 17.37 6.25 -11.75
N GLU B 438 16.47 6.67 -10.87
CA GLU B 438 15.98 5.78 -9.81
C GLU B 438 15.02 4.75 -10.40
N THR B 439 15.00 3.58 -9.77
CA THR B 439 14.32 2.42 -10.33
C THR B 439 12.91 2.27 -9.77
N HIS B 440 12.18 1.31 -10.32
CA HIS B 440 10.81 1.03 -9.92
C HIS B 440 10.80 0.33 -8.56
N GLY B 441 9.59 0.01 -8.09
CA GLY B 441 9.41 -0.74 -6.87
C GLY B 441 8.56 -1.98 -7.10
N GLY B 442 8.74 -3.00 -6.27
CA GLY B 442 8.06 -4.27 -6.47
C GLY B 442 6.88 -4.51 -5.54
N GLU B 443 6.39 -3.46 -4.89
CA GLU B 443 5.28 -3.62 -3.96
C GLU B 443 3.95 -3.62 -4.71
N ASP B 444 2.90 -4.06 -4.02
CA ASP B 444 1.57 -4.11 -4.60
C ASP B 444 1.03 -2.70 -4.80
N VAL B 445 -0.08 -2.61 -5.55
CA VAL B 445 -0.72 -1.34 -5.82
C VAL B 445 -2.20 -1.44 -5.44
N ALA B 446 -2.82 -0.28 -5.29
CA ALA B 446 -4.21 -0.19 -4.87
C ALA B 446 -5.12 0.04 -6.07
N VAL B 447 -6.36 -0.43 -5.94
CA VAL B 447 -7.39 -0.27 -6.96
C VAL B 447 -8.64 0.26 -6.28
N PHE B 448 -9.21 1.34 -6.82
CA PHE B 448 -10.42 1.95 -6.32
C PHE B 448 -11.51 1.81 -7.37
N SER B 449 -12.66 1.27 -6.95
CA SER B 449 -13.74 0.96 -7.86
C SER B 449 -15.05 1.53 -7.35
N LYS B 450 -15.87 2.02 -8.29
CA LYS B 450 -17.19 2.54 -7.97
C LYS B 450 -18.12 2.36 -9.17
N GLY B 451 -19.30 1.81 -8.93
CA GLY B 451 -20.27 1.63 -9.98
C GLY B 451 -20.85 0.23 -10.02
N PRO B 452 -21.56 -0.09 -11.09
CA PRO B 452 -22.21 -1.40 -11.19
C PRO B 452 -21.20 -2.53 -11.05
N MET B 453 -21.54 -3.53 -10.25
CA MET B 453 -20.72 -4.72 -10.02
C MET B 453 -19.32 -4.37 -9.55
N ALA B 454 -19.11 -3.16 -9.04
CA ALA B 454 -17.80 -2.76 -8.57
C ALA B 454 -17.34 -3.56 -7.36
N HIS B 455 -18.28 -4.23 -6.67
CA HIS B 455 -17.93 -5.01 -5.49
C HIS B 455 -17.17 -6.29 -5.84
N LEU B 456 -17.08 -6.65 -7.12
CA LEU B 456 -16.36 -7.85 -7.51
C LEU B 456 -14.85 -7.71 -7.30
N LEU B 457 -14.34 -6.48 -7.22
CA LEU B 457 -12.94 -6.23 -6.90
C LEU B 457 -12.85 -5.99 -5.40
N HIS B 458 -12.67 -7.07 -4.64
CA HIS B 458 -12.81 -7.04 -3.19
C HIS B 458 -11.52 -7.24 -2.42
N GLY B 459 -10.65 -8.15 -2.85
CA GLY B 459 -9.47 -8.46 -2.08
C GLY B 459 -8.16 -8.36 -2.82
N VAL B 460 -7.28 -9.34 -2.63
CA VAL B 460 -5.98 -9.38 -3.28
C VAL B 460 -6.12 -10.18 -4.56
N HIS B 461 -5.74 -9.58 -5.69
CA HIS B 461 -5.92 -10.17 -6.99
C HIS B 461 -4.66 -10.00 -7.82
N GLU B 462 -4.52 -10.86 -8.82
CA GLU B 462 -3.50 -10.66 -9.84
C GLU B 462 -3.92 -9.54 -10.78
N GLN B 463 -2.92 -8.88 -11.37
CA GLN B 463 -3.22 -7.70 -12.19
C GLN B 463 -4.12 -8.06 -13.36
N ASN B 464 -3.85 -9.17 -14.04
CA ASN B 464 -4.63 -9.55 -15.20
C ASN B 464 -6.09 -9.79 -14.89
N TYR B 465 -6.44 -9.99 -13.61
CA TYR B 465 -7.85 -10.15 -13.24
C TYR B 465 -8.65 -8.87 -13.45
N VAL B 466 -8.00 -7.71 -13.51
CA VAL B 466 -8.73 -6.44 -13.55
C VAL B 466 -9.64 -6.35 -14.77
N PRO B 467 -9.17 -6.59 -16.00
CA PRO B 467 -10.05 -6.43 -17.16
C PRO B 467 -11.13 -7.49 -17.28
N HIS B 468 -10.99 -8.64 -16.60
CA HIS B 468 -11.97 -9.70 -16.74
C HIS B 468 -13.29 -9.32 -16.05
N VAL B 469 -13.22 -8.71 -14.88
CA VAL B 469 -14.43 -8.29 -14.18
C VAL B 469 -15.15 -7.21 -14.97
N MET B 470 -14.41 -6.17 -15.40
CA MET B 470 -15.02 -5.07 -16.14
C MET B 470 -15.82 -5.58 -17.33
N ALA B 471 -15.21 -6.44 -18.14
CA ALA B 471 -15.93 -7.01 -19.28
C ALA B 471 -17.23 -7.64 -18.83
N TYR B 472 -17.18 -8.47 -17.79
CA TYR B 472 -18.40 -9.12 -17.31
C TYR B 472 -19.44 -8.07 -16.89
N ALA B 473 -18.98 -6.95 -16.31
CA ALA B 473 -19.90 -5.89 -15.94
C ALA B 473 -20.58 -5.31 -17.18
N ALA B 474 -19.84 -5.16 -18.27
CA ALA B 474 -20.34 -4.52 -19.48
C ALA B 474 -20.94 -5.50 -20.48
N CYS B 475 -20.97 -6.79 -20.15
CA CYS B 475 -21.53 -7.80 -21.06
C CYS B 475 -20.81 -7.81 -22.40
N ILE B 476 -19.48 -7.82 -22.35
CA ILE B 476 -18.64 -7.87 -23.54
C ILE B 476 -17.47 -8.80 -23.28
N GLY B 477 -16.88 -9.30 -24.36
CA GLY B 477 -15.74 -10.19 -24.26
C GLY B 477 -16.12 -11.66 -24.33
N ALA B 478 -15.32 -12.51 -23.69
CA ALA B 478 -15.58 -13.95 -23.75
C ALA B 478 -16.80 -14.34 -22.94
N ASN B 479 -16.97 -13.74 -21.76
CA ASN B 479 -18.06 -14.09 -20.85
C ASN B 479 -19.18 -13.06 -20.96
N LEU B 480 -20.39 -13.53 -21.22
CA LEU B 480 -21.57 -12.67 -21.36
C LEU B 480 -22.70 -13.20 -20.49
N GLY B 481 -22.37 -13.74 -19.33
CA GLY B 481 -23.38 -14.30 -18.45
C GLY B 481 -24.23 -13.28 -17.72
N HIS B 482 -23.74 -12.03 -17.60
CA HIS B 482 -24.50 -11.02 -16.87
C HIS B 482 -25.83 -10.73 -17.54
N CYS B 483 -25.85 -10.66 -18.88
CA CYS B 483 -27.06 -10.38 -19.64
C CYS B 483 -27.78 -11.64 -20.09
N ALA B 484 -27.27 -12.82 -19.73
CA ALA B 484 -27.92 -14.06 -20.14
C ALA B 484 -29.28 -14.18 -19.47
N PRO B 485 -30.35 -14.48 -20.21
CA PRO B 485 -31.70 -14.63 -19.66
C PRO B 485 -31.78 -15.72 -18.61
C1 NAG C . 10.89 -24.88 32.60
C2 NAG C . 12.25 -25.37 33.10
C3 NAG C . 12.12 -26.44 34.18
C4 NAG C . 11.16 -25.98 35.28
C5 NAG C . 9.83 -25.61 34.62
C6 NAG C . 8.79 -25.15 35.62
C7 NAG C . 13.96 -25.14 31.34
C8 NAG C . 14.65 -25.87 30.22
N2 NAG C . 13.03 -25.86 32.00
O3 NAG C . 13.39 -26.70 34.69
O4 NAG C . 10.99 -27.06 36.17
O5 NAG C . 10.06 -24.57 33.69
O6 NAG C . 9.27 -24.02 36.33
O7 NAG C . 14.23 -23.98 31.61
C1 NAG C . 11.14 -26.60 37.53
C2 NAG C . 10.34 -27.55 38.44
C3 NAG C . 10.59 -27.22 39.91
C4 NAG C . 12.08 -27.18 40.20
C5 NAG C . 12.73 -26.19 39.24
C6 NAG C . 14.22 -26.04 39.44
C7 NAG C . 7.91 -26.99 38.79
C8 NAG C . 6.56 -27.14 38.13
N2 NAG C . 8.93 -27.52 38.09
O3 NAG C . 9.92 -28.18 40.69
O4 NAG C . 12.24 -26.81 41.55
O5 NAG C . 12.50 -26.62 37.92
O6 NAG C . 14.84 -27.29 39.32
O7 NAG C . 8.01 -26.42 39.88
C1 BMA C . 12.84 -27.92 42.27
C2 BMA C . 13.57 -27.35 43.48
C3 BMA C . 14.32 -28.50 44.18
C4 BMA C . 13.68 -29.88 43.95
C5 BMA C . 12.17 -29.80 43.66
C6 BMA C . 11.34 -29.58 44.92
O2 BMA C . 12.63 -26.72 44.31
O3 BMA C . 14.42 -28.15 45.53
O4 BMA C . 14.37 -30.46 42.86
O5 BMA C . 11.84 -28.83 42.69
O6 BMA C . 10.00 -29.37 44.50
C1 NAG D . 15.91 -25.47 17.19
C2 NAG D . 15.55 -26.15 15.87
C3 NAG D . 16.72 -27.01 15.42
C4 NAG D . 18.02 -26.20 15.43
C5 NAG D . 18.16 -25.44 16.75
C6 NAG D . 19.42 -24.60 16.84
C7 NAG D . 13.17 -26.63 15.40
C8 NAG D . 12.05 -27.61 15.69
N2 NAG D . 14.34 -26.92 16.00
O3 NAG D . 16.44 -27.52 14.15
O4 NAG D . 19.07 -27.12 15.22
O5 NAG D . 17.02 -24.64 16.99
O6 NAG D . 19.51 -23.72 15.74
O7 NAG D . 13.00 -25.66 14.68
C1 NAG D . 19.78 -26.77 14.01
C2 NAG D . 20.69 -27.94 13.62
C3 NAG D . 21.48 -27.57 12.36
C4 NAG D . 20.52 -27.14 11.25
C5 NAG D . 19.58 -26.05 11.78
C6 NAG D . 18.54 -25.60 10.77
C7 NAG D . 22.41 -27.44 15.32
C8 NAG D . 23.26 -28.06 16.41
N2 NAG D . 21.59 -28.30 14.68
O3 NAG D . 22.26 -28.66 11.98
O4 NAG D . 21.29 -26.68 10.18
O5 NAG D . 18.91 -26.52 12.94
O6 NAG D . 17.87 -26.72 10.24
O7 NAG D . 22.47 -26.25 15.05
C1 NAG E . -0.59 20.28 36.05
C2 NAG E . -1.13 21.70 35.98
C3 NAG E . -0.05 22.64 35.48
C4 NAG E . 1.15 22.55 36.43
C5 NAG E . 1.55 21.09 36.65
C6 NAG E . 2.62 20.95 37.71
C7 NAG E . -3.53 22.00 35.68
C8 NAG E . -4.65 22.06 34.66
N2 NAG E . -2.30 21.79 35.16
O3 NAG E . -0.61 23.92 35.40
O4 NAG E . 2.22 23.24 35.83
O5 NAG E . 0.45 20.29 37.01
O6 NAG E . 3.08 19.62 37.76
O7 NAG E . -3.74 22.12 36.87
C1 NAG E . 2.02 24.68 35.87
C2 NAG E . 1.55 25.06 37.29
C3 NAG E . 2.65 25.73 38.10
C4 NAG E . 3.93 24.96 37.82
C5 NAG E . 4.35 25.31 36.39
C6 NAG E . 5.44 24.41 35.83
C7 NAG E . 0.15 26.90 36.37
C8 NAG E . -1.15 27.63 36.56
N2 NAG E . 0.38 25.90 37.25
O3 NAG E . 2.29 25.69 39.46
O4 NAG E . 4.89 25.38 38.76
O5 NAG E . 3.25 25.30 35.49
O6 NAG E . 6.54 24.40 36.70
O7 NAG E . 0.93 27.23 35.49
C1 NAG F . 20.63 -2.50 44.12
C2 NAG F . 20.66 -1.37 45.16
C3 NAG F . 21.90 -0.53 44.99
C4 NAG F . 23.14 -1.41 45.01
C5 NAG F . 23.02 -2.44 43.88
C6 NAG F . 24.21 -3.37 43.75
C7 NAG F . 18.37 -0.63 45.74
C8 NAG F . 17.30 0.36 45.37
N2 NAG F . 19.50 -0.54 45.00
O3 NAG F . 21.92 0.43 46.03
O4 NAG F . 24.23 -0.56 44.79
O5 NAG F . 21.86 -3.21 44.11
O6 NAG F . 24.11 -4.46 44.64
O7 NAG F . 18.23 -1.45 46.64
C1 FUC F . 24.47 -5.66 43.92
C2 FUC F . 25.26 -6.58 44.85
C3 FUC F . 24.37 -7.14 45.97
C4 FUC F . 23.13 -7.81 45.38
C5 FUC F . 22.43 -6.80 44.47
C6 FUC F . 21.22 -7.38 43.76
O2 FUC F . 26.35 -5.86 45.36
O3 FUC F . 25.16 -8.02 46.74
O4 FUC F . 23.52 -8.98 44.70
O5 FUC F . 23.32 -6.33 43.47
C1 NAG G . 34.59 -3.84 -5.75
C2 NAG G . 35.73 -3.35 -6.66
C3 NAG G . 36.10 -4.37 -7.75
C4 NAG G . 36.18 -5.81 -7.25
C5 NAG G . 34.83 -6.10 -6.60
C6 NAG G . 34.62 -7.52 -6.12
C7 NAG G . 35.78 -0.90 -7.11
C8 NAG G . 35.15 0.14 -8.00
N2 NAG G . 35.33 -2.15 -7.34
O3 NAG G . 37.30 -3.95 -8.35
O4 NAG G . 36.40 -6.66 -8.34
O5 NAG G . 34.68 -5.23 -5.50
O6 NAG G . 35.17 -7.73 -4.83
O7 NAG G . 36.60 -0.63 -6.27
C1 NAG G . 37.81 -6.90 -8.47
C2 NAG G . 38.06 -8.36 -8.87
C3 NAG G . 39.58 -8.60 -9.00
C4 NAG G . 40.18 -7.62 -10.00
C5 NAG G . 39.75 -6.20 -9.60
C6 NAG G . 40.24 -5.13 -10.55
C7 NAG G . 36.38 -10.04 -8.25
C8 NAG G . 35.93 -10.99 -7.17
N2 NAG G . 37.47 -9.30 -7.97
O3 NAG G . 39.73 -9.94 -9.37
O4 NAG G . 41.60 -7.66 -9.97
O5 NAG G . 38.34 -6.09 -9.49
O6 NAG G . 39.70 -5.38 -11.83
O7 NAG G . 35.77 -9.96 -9.31
C1 BMA G . 42.18 -8.96 -10.21
C2 BMA G . 41.51 -9.61 -11.42
C3 BMA G . 42.01 -11.07 -11.42
C4 BMA G . 43.55 -11.18 -11.27
C5 BMA G . 44.29 -9.85 -11.15
C6 BMA G . 44.86 -9.31 -12.45
O2 BMA G . 41.82 -8.90 -12.59
O3 BMA G . 41.46 -11.76 -12.51
O4 BMA G . 43.75 -11.97 -10.12
O5 BMA G . 43.56 -8.82 -10.48
O6 BMA G . 44.04 -9.74 -13.51
C1 MAN G . 40.81 -12.90 -11.90
C2 MAN G . 40.63 -14.02 -12.92
C3 MAN G . 40.03 -15.22 -12.19
C4 MAN G . 38.75 -14.85 -11.44
C5 MAN G . 38.94 -13.55 -10.63
C6 MAN G . 39.83 -13.76 -9.42
O2 MAN G . 41.89 -14.31 -13.47
O3 MAN G . 41.03 -15.71 -11.31
O4 MAN G . 37.74 -14.71 -12.40
O5 MAN G . 39.55 -12.55 -11.42
O6 MAN G . 39.25 -14.71 -8.57
C1 FUC G . 35.73 -9.07 -4.80
C2 FUC G . 37.10 -8.96 -4.07
C3 FUC G . 37.07 -9.25 -2.56
C4 FUC G . 36.28 -10.53 -2.31
C5 FUC G . 34.86 -10.25 -2.78
C6 FUC G . 33.95 -11.42 -2.51
O2 FUC G . 37.62 -7.69 -4.32
O3 FUC G . 38.40 -9.35 -2.13
O4 FUC G . 36.89 -11.58 -3.00
O5 FUC G . 34.84 -10.00 -4.19
C1 NAG H . 25.31 23.25 7.96
C2 NAG H . 26.46 23.44 8.98
C3 NAG H . 26.10 24.44 10.07
C4 NAG H . 25.41 25.70 9.56
C5 NAG H . 24.17 25.21 8.84
C6 NAG H . 23.24 26.31 8.31
C7 NAG H . 27.85 21.47 9.59
C8 NAG H . 27.81 20.20 10.40
N2 NAG H . 26.71 22.19 9.63
O3 NAG H . 27.29 24.73 10.77
O4 NAG H . 25.05 26.50 10.66
O5 NAG H . 24.58 24.45 7.74
O6 NAG H . 23.65 26.76 7.04
O7 NAG H . 28.84 21.80 8.96
C1 NAG H . 26.03 27.54 10.79
C2 NAG H . 25.35 28.84 11.25
C3 NAG H . 26.41 29.93 11.49
C4 NAG H . 27.50 29.42 12.44
C5 NAG H . 28.02 28.10 11.89
C6 NAG H . 29.13 27.49 12.72
C7 NAG H . 23.04 29.22 10.48
C8 NAG H . 22.61 28.60 11.79
N2 NAG H . 24.37 29.29 10.30
O3 NAG H . 25.71 31.05 11.99
O4 NAG H . 28.59 30.32 12.51
O5 NAG H . 26.97 27.16 11.76
O6 NAG H . 29.60 26.33 12.07
O7 NAG H . 22.22 29.60 9.67
C1 BMA H . 28.23 31.69 12.84
C2 BMA H . 27.37 31.73 14.09
C3 BMA H . 26.84 33.17 14.17
C4 BMA H . 27.94 34.24 13.99
C5 BMA H . 29.35 33.67 13.80
C6 BMA H . 30.13 33.52 15.10
O2 BMA H . 28.12 31.34 15.21
O3 BMA H . 26.05 33.33 15.33
O4 BMA H . 27.55 34.98 12.85
O5 BMA H . 29.41 32.45 13.07
O6 BMA H . 30.75 34.77 15.36
C1 MAN H . 24.91 34.07 14.83
C2 MAN H . 23.88 34.30 15.95
C3 MAN H . 22.59 34.83 15.30
C4 MAN H . 22.85 35.26 13.86
C5 MAN H . 23.38 34.09 13.03
C6 MAN H . 24.14 34.54 11.82
O2 MAN H . 24.43 35.23 16.84
O3 MAN H . 22.14 35.90 16.09
O4 MAN H . 21.63 35.74 13.35
O5 MAN H . 24.29 33.33 13.82
O6 MAN H . 23.23 34.89 10.80
C1 FUC H . 23.18 28.13 6.86
C2 FUC H . 24.39 28.91 6.29
C3 FUC H . 24.27 29.36 4.84
C4 FUC H . 22.89 29.98 4.67
C5 FUC H . 21.92 28.83 4.79
C6 FUC H . 20.48 29.29 4.64
O2 FUC H . 25.54 28.13 6.50
O3 FUC H . 25.31 30.26 4.58
O4 FUC H . 22.72 30.97 5.65
O5 FUC H . 22.01 28.14 6.04
C1 NAG I . 13.79 -16.41 -36.06
C2 NAG I . 14.13 -17.87 -35.81
C3 NAG I . 15.61 -17.88 -35.52
C4 NAG I . 16.30 -17.41 -36.80
C5 NAG I . 15.71 -16.04 -37.20
C6 NAG I . 16.33 -15.43 -38.45
C7 NAG I . 12.57 -19.46 -34.80
C8 NAG I . 11.82 -19.82 -33.54
N2 NAG I . 13.37 -18.38 -34.71
O3 NAG I . 15.98 -19.18 -35.11
O4 NAG I . 17.65 -17.29 -36.47
O5 NAG I . 14.30 -16.09 -37.33
O6 NAG I . 17.20 -14.41 -38.02
O7 NAG I . 12.45 -20.12 -35.82
C1 NAG I . 18.37 -18.43 -36.97
C2 NAG I . 19.68 -18.50 -36.17
C3 NAG I . 20.48 -19.72 -36.62
C4 NAG I . 19.63 -20.96 -36.37
C5 NAG I . 18.29 -20.85 -37.11
C6 NAG I . 17.37 -21.97 -36.72
C7 NAG I . 20.51 -16.35 -35.34
C8 NAG I . 21.32 -15.14 -35.66
N2 NAG I . 20.42 -17.28 -36.32
O3 NAG I . 21.65 -19.75 -35.87
O4 NAG I . 20.38 -22.06 -36.81
O5 NAG I . 17.64 -19.62 -36.80
O6 NAG I . 17.56 -22.25 -35.35
O7 NAG I . 19.96 -16.49 -34.25
C1 NAG J . 18.08 15.60 -42.69
C2 NAG J . 18.64 14.44 -43.51
C3 NAG J . 20.01 14.08 -42.92
C4 NAG J . 20.89 15.34 -42.86
C5 NAG J . 20.18 16.52 -42.20
C6 NAG J . 20.94 17.80 -42.36
C7 NAG J . 17.11 12.87 -44.64
C8 NAG J . 16.21 11.66 -44.45
N2 NAG J . 17.75 13.31 -43.53
O3 NAG J . 20.58 13.10 -43.75
O4 NAG J . 22.09 15.01 -42.19
O5 NAG J . 18.94 16.70 -42.83
O6 NAG J . 20.89 18.14 -43.72
O7 NAG J . 17.22 13.41 -45.73
C1 FUC J . 20.38 19.49 -43.97
C2 FUC J . 19.18 19.36 -44.94
C3 FUC J . 17.91 18.90 -44.26
C4 FUC J . 17.57 19.88 -43.13
C5 FUC J . 18.73 19.82 -42.15
C6 FUC J . 18.58 20.77 -40.97
O2 FUC J . 19.58 18.49 -45.98
O3 FUC J . 16.90 18.82 -45.25
O4 FUC J . 17.39 21.15 -43.69
O5 FUC J . 19.98 20.15 -42.77
C1 NAG K . -0.75 30.46 -16.61
C2 NAG K . -1.51 30.83 -15.32
C3 NAG K . -1.03 32.18 -14.81
C4 NAG K . 0.50 32.20 -14.72
C5 NAG K . 1.07 31.78 -16.08
C6 NAG K . 2.58 31.87 -16.19
C7 NAG K . -3.78 29.87 -15.03
C8 NAG K . -5.23 30.08 -15.38
N2 NAG K . -2.94 30.81 -15.51
O3 NAG K . -1.62 32.43 -13.56
O4 NAG K . 0.89 33.51 -14.36
O5 NAG K . 0.63 30.47 -16.37
O6 NAG K . 3.23 31.10 -15.22
O7 NAG K . -3.42 28.91 -14.36
C1 NAG K . 1.46 33.47 -13.04
C2 NAG K . 2.24 34.75 -12.77
C3 NAG K . 2.84 34.69 -11.37
C4 NAG K . 1.73 34.41 -10.35
C5 NAG K . 0.96 33.16 -10.77
C6 NAG K . -0.18 32.79 -9.85
C7 NAG K . 3.23 35.85 -14.75
C8 NAG K . 4.41 35.84 -15.69
N2 NAG K . 3.26 34.93 -13.78
O3 NAG K . 3.49 35.90 -11.11
O4 NAG K . 2.36 34.22 -9.09
O5 NAG K . 0.44 33.36 -12.06
O6 NAG K . -1.06 33.88 -9.71
O7 NAG K . 2.30 36.65 -14.90
C1 NAG L . -3.69 27.16 -32.51
C2 NAG L . -2.83 28.33 -33.00
C3 NAG L . -3.49 29.11 -34.12
C4 NAG L . -3.92 28.16 -35.23
C5 NAG L . -4.83 27.09 -34.63
C6 NAG L . -5.32 26.06 -35.63
C7 NAG L . -1.47 29.19 -31.11
C8 NAG L . -1.44 30.22 -30.02
N2 NAG L . -2.57 29.22 -31.90
O3 NAG L . -2.57 30.08 -34.55
O4 NAG L . -4.60 28.92 -36.20
O5 NAG L . -4.14 26.40 -33.61
O6 NAG L . -4.23 25.50 -36.32
O7 NAG L . -0.57 28.38 -31.27
C1 NAG L . -3.90 28.84 -37.46
C2 NAG L . -4.93 28.85 -38.59
C3 NAG L . -4.24 28.91 -39.95
C4 NAG L . -3.26 30.07 -39.98
C5 NAG L . -2.28 29.91 -38.80
C6 NAG L . -1.24 31.01 -38.73
C7 NAG L . -7.12 27.75 -38.26
C8 NAG L . -7.82 26.42 -38.25
N2 NAG L . -5.80 27.70 -38.53
O3 NAG L . -5.24 29.05 -40.94
O4 NAG L . -2.59 30.01 -41.22
O5 NAG L . -3.03 29.93 -37.60
O6 NAG L . -1.90 32.25 -38.68
O7 NAG L . -7.72 28.79 -38.04
C1 BMA L . -2.98 31.16 -42.02
C2 BMA L . -1.94 31.33 -43.12
C3 BMA L . -2.26 32.62 -43.91
C4 BMA L . -3.75 32.99 -43.88
C5 BMA L . -4.68 31.80 -43.66
C6 BMA L . -4.89 30.96 -44.91
O2 BMA L . -1.96 30.18 -43.93
O3 BMA L . -1.77 32.43 -45.22
O4 BMA L . -3.90 33.94 -42.84
O5 BMA L . -4.26 30.96 -42.60
O6 BMA L . -5.60 29.80 -44.55
MG MG M . 4.24 -2.57 19.28
ZN ZN N . 8.75 1.99 16.24
CA CA O . 12.97 -17.29 28.04
ZN ZN P . 4.49 0.71 15.85
C10 A1JNY Q . 10.49 0.76 21.01
C15 A1JNY Q . 14.22 0.39 19.53
C17 A1JNY Q . 14.82 -1.93 19.61
C20 A1JNY Q . 16.55 -4.01 18.87
C21 A1JNY Q . 16.77 -2.71 18.42
C22 A1JNY Q . 15.89 -1.66 18.81
C24 A1JNY Q . 15.32 0.65 18.72
C01 A1JNY Q . 9.61 7.01 18.44
C03 A1JNY Q . 9.48 4.68 18.23
C04 A1JNY Q . 10.82 4.38 18.30
C05 A1JNY Q . 11.25 3.14 18.78
C06 A1JNY Q . 10.31 2.21 19.16
C07 A1JNY Q . 8.95 2.50 19.09
C08 A1JNY Q . 8.54 3.73 18.62
C16 A1JNY Q . 13.98 -0.87 19.98
C18 A1JNY Q . 14.58 -3.25 20.06
C19 A1JNY Q . 15.45 -4.28 19.69
N14 A1JNY Q . 13.33 1.47 19.93
N23 A1JNY Q . 16.15 -0.37 18.36
O02 A1JNY Q . 9.06 5.92 17.75
O09 A1JNY Q . 10.72 0.95 19.65
O12 A1JNY Q . 13.78 3.97 19.29
O13 A1JNY Q . 13.58 2.55 17.54
S11 A1JNY Q . 13.02 2.79 18.87
H103 A1JNY Q . 10.79 -0.14 21.26
H102 A1JNY Q . 9.54 0.83 21.20
H101 A1JNY Q . 10.98 1.42 21.52
H201 A1JNY Q . 17.12 -4.70 18.61
H211 A1JNY Q . 17.51 -2.54 17.88
H241 A1JNY Q . 15.48 1.51 18.42
H012 A1JNY Q . 9.06 7.79 18.30
H011 A1JNY Q . 10.50 7.18 18.11
H013 A1JNY Q . 9.66 6.79 19.39
H041 A1JNY Q . 11.46 5.01 18.04
H071 A1JNY Q . 8.32 1.86 19.34
H081 A1JNY Q . 7.63 3.93 18.56
H161 A1JNY Q . 13.23 -1.05 20.52
H181 A1JNY Q . 13.86 -3.43 20.60
H191 A1JNY Q . 15.29 -5.15 19.98
H141 A1JNY Q . 12.95 1.44 20.70
MG MG R . 3.24 5.00 -19.09
ZN ZN S . 9.31 3.85 -15.57
CA CA T . 2.26 22.22 -27.47
ZN ZN U . 5.14 2.39 -15.52
C10 A1JNY V . 10.41 6.15 -20.30
C15 A1JNY V . 13.08 8.54 -18.56
C17 A1JNY V . 12.20 10.76 -18.67
C20 A1JNY V . 12.26 13.46 -17.88
C21 A1JNY V . 13.19 12.55 -17.39
C22 A1JNY V . 13.15 11.19 -17.79
C24 A1JNY V . 14.06 8.99 -17.67
C01 A1JNY V . 13.05 0.47 -17.61
C03 A1JNY V . 11.59 2.30 -17.48
C04 A1JNY V . 12.52 3.32 -17.44
C05 A1JNY V . 12.19 4.58 -17.92
C06 A1JNY V . 10.92 4.82 -18.43
C07 A1JNY V . 9.99 3.80 -18.46
C08 A1JNY V . 10.32 2.54 -17.98
C16 A1JNY V . 12.16 9.42 -19.06
C18 A1JNY V . 11.23 11.69 -19.18
C19 A1JNY V . 11.28 13.02 -18.78
N14 A1JNY V . 13.04 7.15 -18.97
N23 A1JNY V . 14.08 10.29 -17.28
O02 A1JNY V . 11.92 1.03 -16.99
O09 A1JNY V . 10.58 6.09 -18.92
O12 A1JNY V . 14.78 5.38 -18.12
O13 A1JNY V . 13.60 6.41 -16.50
S11 A1JNY V . 13.43 5.90 -17.86
H103 A1JNY V . 10.17 7.06 -20.56
H102 A1JNY V . 9.72 5.53 -20.57
H101 A1JNY V . 11.26 5.91 -20.74
H201 A1JNY V . 12.29 14.35 -17.62
H211 A1JNY V . 13.84 12.84 -16.80
H241 A1JNY V . 14.69 8.40 -17.32
H012 A1JNY V . 13.04 0.68 -18.55
H011 A1JNY V . 13.03 -0.49 -17.49
H013 A1JNY V . 13.85 0.83 -17.20
H041 A1JNY V . 13.37 3.16 -17.10
H071 A1JNY V . 9.14 3.96 -18.80
H081 A1JNY V . 9.69 1.85 -18.00
H161 A1JNY V . 11.51 9.12 -19.65
H181 A1JNY V . 10.58 11.40 -19.77
H191 A1JNY V . 10.66 13.63 -19.12
H141 A1JNY V . 12.83 6.95 -19.78
#